data_5OR7
#
_entry.id   5OR7
#
_cell.length_a   75.110
_cell.length_b   77.460
_cell.length_c   140.950
_cell.angle_alpha   90.00
_cell.angle_beta   90.00
_cell.angle_gamma   90.00
#
_symmetry.space_group_name_H-M   'P 21 21 21'
#
loop_
_entity.id
_entity.type
_entity.pdbx_description
1 polymer 'Capsid protein'
2 polymer 'CMRF35-like molecule 1'
3 non-polymer 'SODIUM ION'
4 water water
#
loop_
_entity_poly.entity_id
_entity_poly.type
_entity_poly.pdbx_seq_one_letter_code
_entity_poly.pdbx_strand_id
1 'polypeptide(L)'
;MRMSDGAAPKANGSEASGQDLVPTAVEQAVPIQPVAGSALAAPAAGQINQIDPWIFQNFVQCPLGEFSISPRNTPGEILF
DLALGPGLNPYLAHLSAMYTGWVGNMEVQLVLAGNAFTAGKVVVALVPPYFPKGSLTTAQITCFPHVMCDVRTLEPIQLP
LLDVRRVLWHATQDQEESMRLVCMLYTPLRTNSPGDESFVVSGRLLSKPAADFNFVYLTPPIERTIYRMVDLPVLQPRLC
THARWPAPIYGLLVDPSLPSNPQWQNGRVHVDGTLLGTTPVSGSWVSCFAAEAAYEFQSGTGEVATFTLIEQDGSAYVPG
DRAAPLGYPDFSGQLEIEVQTETTKTGDKLKVTTFEMILGPTTNVDQAPYQGRVYASLTAVASLDLVDGRVRAVPRSIYG
FQDVIPEYNDGLLVPLAPPIGPFLPGEVLLRFRTYMRQLDTADAAAEAIDCALPQEFISWFASNAFTVQSDALLLRYRNT
LTGQLLFECKLYSEGYIALSYSGSGPLTFPTDGFFEVVSWVPRLFQLASVGSLTTGRTLKQ
;
A,B
2 'polypeptide(L)'
;MHLSLLVPFLFWITGCCTAEDPVTGPEEVSGQEQGSLTVQCRYTSGWKDYKKYWCQGVPQRSCKTLVETDASEQLVKKNR
VSIRDNQRDFIFTVTMEDLRMSDAGIYWCGITKGGLDPMFKVTVNIGPVPTMPPITSTTTIFTVTTTVKETSMFPTLTSY
YSDNGHGGGDSGGGEDGVGDGFLDLSVLLPVISAVLLLLLLVASLFAWRMVRRQKKAAGPPSEQAQSLEGDLCYADLSLK
QPRTSPGSSWKKGSSMSSSGKDHQEEVEYVTMAPFPREEVSYAALTLAGLGQEPTYGNTGCPITHVPRTGLEEETTEYSS
IRRPLPAAMP
;
C
#
# COMPACT_ATOMS: atom_id res chain seq x y z
N ARG A 228 8.11 2.88 -31.25
CA ARG A 228 7.57 4.22 -31.49
C ARG A 228 8.21 5.24 -30.56
N MET A 229 8.06 6.52 -30.91
CA MET A 229 8.61 7.58 -30.07
C MET A 229 7.97 7.58 -28.68
N VAL A 230 8.79 7.85 -27.68
CA VAL A 230 8.31 7.89 -26.29
C VAL A 230 7.18 8.91 -26.15
N ASP A 231 6.12 8.51 -25.46
CA ASP A 231 5.06 9.40 -25.06
C ASP A 231 4.65 9.09 -23.63
N LEU A 232 3.88 9.99 -23.03
CA LEU A 232 3.36 9.82 -21.69
C LEU A 232 1.85 9.86 -21.71
N PRO A 233 1.18 9.16 -20.80
CA PRO A 233 -0.27 9.30 -20.68
C PRO A 233 -0.63 10.70 -20.20
N VAL A 234 -1.80 11.16 -20.63
CA VAL A 234 -2.24 12.52 -20.33
C VAL A 234 -2.97 12.54 -18.99
N LEU A 235 -2.65 11.61 -18.12
CA LEU A 235 -3.30 11.54 -16.81
C LEU A 235 -2.80 12.68 -15.91
N GLN A 236 -3.73 13.31 -15.20
CA GLN A 236 -3.36 14.34 -14.25
C GLN A 236 -2.72 13.71 -13.02
N PRO A 237 -1.69 14.33 -12.46
CA PRO A 237 -1.09 13.79 -11.22
C PRO A 237 -2.10 13.55 -10.11
N ARG A 238 -3.05 14.47 -9.93
CA ARG A 238 -4.03 14.33 -8.86
C ARG A 238 -4.92 13.10 -9.04
N LEU A 239 -4.94 12.51 -10.22
CA LEU A 239 -5.73 11.31 -10.48
C LEU A 239 -4.90 10.04 -10.49
N CYS A 240 -3.60 10.13 -10.22
CA CYS A 240 -2.69 9.01 -10.36
C CYS A 240 -2.39 8.36 -9.01
N THR A 241 -1.65 7.26 -9.06
CA THR A 241 -1.37 6.41 -7.90
C THR A 241 0.06 6.65 -7.42
N HIS A 242 0.22 6.86 -6.13
CA HIS A 242 1.56 7.01 -5.57
C HIS A 242 2.32 5.70 -5.63
N ALA A 243 3.64 5.80 -5.79
CA ALA A 243 4.48 4.64 -6.07
C ALA A 243 5.22 4.11 -4.85
N ARG A 244 5.12 4.77 -3.70
CA ARG A 244 5.81 4.30 -2.50
C ARG A 244 4.90 4.12 -1.30
N TRP A 245 3.69 4.66 -1.32
CA TRP A 245 2.69 4.44 -0.28
C TRP A 245 1.34 4.35 -0.99
N PRO A 246 0.50 3.35 -0.65
CA PRO A 246 -0.75 3.16 -1.39
C PRO A 246 -1.79 4.22 -1.08
N ALA A 247 -1.74 5.35 -1.78
CA ALA A 247 -2.65 6.46 -1.55
C ALA A 247 -2.66 7.31 -2.81
N PRO A 248 -3.67 8.18 -2.96
CA PRO A 248 -3.66 9.10 -4.11
C PRO A 248 -2.50 10.08 -4.03
N ILE A 249 -2.06 10.54 -5.19
CA ILE A 249 -1.09 11.62 -5.26
C ILE A 249 -1.80 12.93 -4.95
N TYR A 250 -1.32 13.64 -3.94
CA TYR A 250 -1.94 14.89 -3.51
C TYR A 250 -1.13 16.13 -3.85
N GLY A 251 0.17 16.00 -4.08
CA GLY A 251 1.01 17.16 -4.31
C GLY A 251 2.04 16.91 -5.40
N LEU A 252 2.51 18.02 -5.96
CA LEU A 252 3.57 18.02 -6.96
C LEU A 252 4.45 19.21 -6.65
N LEU A 253 5.72 18.97 -6.32
CA LEU A 253 6.55 20.06 -5.82
C LEU A 253 8.02 19.74 -6.03
N VAL A 254 8.83 20.79 -5.88
CA VAL A 254 10.26 20.68 -5.68
C VAL A 254 10.56 21.30 -4.31
N ASP A 255 11.58 20.76 -3.64
CA ASP A 255 11.94 21.23 -2.30
C ASP A 255 13.44 21.03 -2.12
N PRO A 256 14.23 22.09 -2.31
CA PRO A 256 15.69 21.95 -2.22
C PRO A 256 16.19 21.64 -0.81
N SER A 257 15.37 21.79 0.22
CA SER A 257 15.81 21.49 1.59
C SER A 257 15.74 20.01 1.90
N LEU A 258 15.16 19.19 1.03
CA LEU A 258 15.10 17.76 1.24
C LEU A 258 16.34 17.09 0.66
N PRO A 259 16.65 15.86 1.08
CA PRO A 259 17.78 15.15 0.48
C PRO A 259 17.66 15.08 -1.03
N SER A 260 18.73 15.51 -1.72
CA SER A 260 18.67 15.70 -3.16
C SER A 260 18.79 14.40 -3.95
N ASN A 261 19.41 13.36 -3.38
CA ASN A 261 19.61 12.08 -4.06
C ASN A 261 19.06 10.94 -3.22
N PRO A 262 17.74 10.86 -3.05
CA PRO A 262 17.17 9.77 -2.25
C PRO A 262 17.38 8.42 -2.93
N GLN A 263 17.52 7.39 -2.12
CA GLN A 263 17.74 6.04 -2.61
C GLN A 263 16.49 5.19 -2.48
N TRP A 264 15.36 5.76 -2.93
CA TRP A 264 14.10 5.01 -2.94
C TRP A 264 14.24 3.74 -3.77
N GLN A 265 13.63 2.66 -3.29
CA GLN A 265 13.70 1.38 -3.98
C GLN A 265 12.42 1.04 -4.74
N ASN A 266 11.30 1.62 -4.35
CA ASN A 266 10.07 1.53 -5.12
C ASN A 266 9.89 2.81 -5.93
N GLY A 267 9.05 2.73 -6.96
CA GLY A 267 8.88 3.86 -7.84
C GLY A 267 10.06 4.12 -8.74
N ARG A 268 10.84 3.08 -9.07
CA ARG A 268 12.07 3.22 -9.85
C ARG A 268 11.92 2.42 -11.14
N VAL A 269 12.05 3.11 -12.27
CA VAL A 269 11.96 2.46 -13.57
C VAL A 269 12.80 3.26 -14.56
N HIS A 270 13.40 2.55 -15.53
CA HIS A 270 14.01 3.23 -16.67
C HIS A 270 12.95 3.56 -17.71
N VAL A 271 13.26 4.55 -18.55
CA VAL A 271 12.32 4.93 -19.61
C VAL A 271 12.12 3.78 -20.59
N ASP A 272 13.12 2.91 -20.75
CA ASP A 272 12.96 1.76 -21.63
C ASP A 272 12.12 0.65 -21.03
N GLY A 273 11.61 0.82 -19.81
CA GLY A 273 10.72 -0.13 -19.18
C GLY A 273 11.35 -1.02 -18.12
N THR A 274 12.67 -0.94 -17.94
CA THR A 274 13.34 -1.78 -16.96
C THR A 274 12.95 -1.35 -15.55
N LEU A 275 12.37 -2.27 -14.79
CA LEU A 275 12.02 -2.01 -13.40
C LEU A 275 13.27 -2.08 -12.53
N LEU A 276 13.47 -1.07 -11.68
CA LEU A 276 14.63 -0.99 -10.81
C LEU A 276 14.21 -1.25 -9.37
N GLY A 277 15.20 -1.67 -8.57
CA GLY A 277 14.96 -1.89 -7.15
C GLY A 277 13.88 -2.92 -6.92
N THR A 278 12.99 -2.64 -5.97
CA THR A 278 11.87 -3.51 -5.64
C THR A 278 10.58 -3.04 -6.30
N THR A 279 10.67 -2.17 -7.30
CA THR A 279 9.49 -1.57 -7.91
C THR A 279 8.58 -2.64 -8.51
N PRO A 280 7.31 -2.68 -8.14
CA PRO A 280 6.37 -3.61 -8.77
C PRO A 280 5.62 -2.96 -9.92
N VAL A 281 4.96 -3.80 -10.72
CA VAL A 281 4.11 -3.30 -11.79
C VAL A 281 2.82 -2.73 -11.22
N SER A 282 2.21 -3.42 -10.25
CA SER A 282 0.90 -3.06 -9.74
C SER A 282 1.03 -2.16 -8.51
N GLY A 283 0.22 -1.10 -8.48
CA GLY A 283 0.15 -0.23 -7.32
C GLY A 283 -0.33 -0.93 -6.06
N SER A 284 -1.06 -2.03 -6.21
CA SER A 284 -1.55 -2.77 -5.05
C SER A 284 -0.45 -3.54 -4.33
N TRP A 285 0.72 -3.68 -4.95
CA TRP A 285 1.87 -4.30 -4.29
C TRP A 285 2.68 -3.32 -3.46
N VAL A 286 2.43 -2.02 -3.60
CA VAL A 286 3.32 -1.00 -3.04
C VAL A 286 3.20 -0.99 -1.52
N SER A 287 4.34 -1.13 -0.84
CA SER A 287 4.42 -1.12 0.62
C SER A 287 3.63 -2.26 1.25
N CYS A 288 3.46 -3.35 0.51
CA CYS A 288 2.83 -4.56 0.99
C CYS A 288 3.81 -5.73 0.87
N PHE A 289 3.43 -6.87 1.43
CA PHE A 289 4.18 -8.09 1.19
C PHE A 289 3.26 -9.29 1.36
N ALA A 290 3.74 -10.44 0.91
CA ALA A 290 3.08 -11.71 1.09
C ALA A 290 4.08 -12.67 1.74
N ALA A 291 3.55 -13.67 2.44
CA ALA A 291 4.44 -14.54 3.20
C ALA A 291 3.71 -15.80 3.61
N GLU A 292 4.51 -16.81 3.95
CA GLU A 292 4.05 -17.95 4.74
C GLU A 292 4.22 -17.59 6.21
N ALA A 293 3.12 -17.59 6.97
CA ALA A 293 3.13 -17.13 8.35
C ALA A 293 3.13 -18.31 9.31
N ALA A 294 3.97 -18.26 10.33
CA ALA A 294 3.99 -19.23 11.42
C ALA A 294 3.81 -18.46 12.73
N TYR A 295 2.74 -18.76 13.46
CA TYR A 295 2.35 -17.99 14.63
C TYR A 295 2.63 -18.73 15.92
N GLU A 296 2.77 -17.95 16.99
CA GLU A 296 3.08 -18.44 18.33
C GLU A 296 2.75 -17.33 19.32
N PHE A 297 2.51 -17.71 20.57
CA PHE A 297 2.31 -16.75 21.65
C PHE A 297 3.47 -16.82 22.61
N GLN A 298 4.01 -15.65 22.97
CA GLN A 298 5.12 -15.54 23.92
C GLN A 298 4.80 -14.46 24.94
N SER A 299 4.60 -14.87 26.20
CA SER A 299 4.34 -13.94 27.28
C SER A 299 5.41 -12.85 27.34
N GLY A 300 4.98 -11.61 27.58
CA GLY A 300 5.86 -10.47 27.54
C GLY A 300 6.05 -9.86 26.17
N THR A 301 5.55 -10.52 25.12
CA THR A 301 5.60 -9.98 23.77
C THR A 301 4.20 -9.99 23.16
N GLY A 302 3.50 -11.11 23.31
CA GLY A 302 2.18 -11.26 22.74
C GLY A 302 2.17 -12.30 21.64
N GLU A 303 1.29 -12.13 20.66
CA GLU A 303 1.26 -13.02 19.50
C GLU A 303 2.38 -12.64 18.56
N VAL A 304 3.23 -13.61 18.20
CA VAL A 304 4.40 -13.37 17.36
C VAL A 304 4.24 -14.12 16.05
N ALA A 305 4.66 -13.47 14.96
CA ALA A 305 4.58 -14.04 13.62
C ALA A 305 5.97 -14.12 13.00
N THR A 306 6.31 -15.29 12.46
CA THR A 306 7.50 -15.48 11.65
C THR A 306 7.06 -15.60 10.19
N PHE A 307 7.46 -14.64 9.37
CA PHE A 307 7.05 -14.57 7.97
C PHE A 307 8.17 -15.07 7.06
N THR A 308 7.90 -16.15 6.33
CA THR A 308 8.75 -16.56 5.21
C THR A 308 8.22 -15.87 3.96
N LEU A 309 8.96 -14.88 3.46
CA LEU A 309 8.43 -14.02 2.42
C LEU A 309 8.33 -14.76 1.08
N ILE A 310 7.27 -14.44 0.34
CA ILE A 310 7.11 -14.85 -1.05
C ILE A 310 6.81 -13.60 -1.86
N GLU A 311 6.94 -13.73 -3.18
CA GLU A 311 6.49 -12.64 -4.04
C GLU A 311 4.97 -12.55 -3.99
N GLN A 312 4.44 -11.34 -4.19
CA GLN A 312 3.03 -11.10 -3.89
C GLN A 312 2.09 -11.81 -4.86
N ASP A 313 2.58 -12.36 -5.96
CA ASP A 313 1.76 -13.19 -6.82
C ASP A 313 1.75 -14.66 -6.40
N GLY A 314 2.45 -15.00 -5.31
CA GLY A 314 2.51 -16.36 -4.83
C GLY A 314 3.73 -17.14 -5.28
N SER A 315 4.50 -16.61 -6.23
CA SER A 315 5.73 -17.28 -6.64
C SER A 315 6.79 -17.13 -5.55
N ALA A 316 7.76 -18.03 -5.58
CA ALA A 316 8.80 -18.04 -4.55
C ALA A 316 9.69 -16.82 -4.69
N TYR A 317 10.03 -16.22 -3.56
CA TYR A 317 11.02 -15.16 -3.54
C TYR A 317 12.43 -15.76 -3.55
N VAL A 318 13.25 -15.30 -4.49
CA VAL A 318 14.61 -15.79 -4.64
C VAL A 318 15.56 -14.62 -4.38
N PRO A 319 16.40 -14.67 -3.34
CA PRO A 319 17.36 -13.58 -3.11
C PRO A 319 18.26 -13.39 -4.33
N GLY A 320 18.30 -12.15 -4.82
CA GLY A 320 19.03 -11.86 -6.04
C GLY A 320 19.61 -10.45 -6.08
N ASP A 321 19.31 -9.72 -7.15
CA ASP A 321 19.89 -8.41 -7.40
C ASP A 321 18.99 -7.28 -6.93
N ARG A 322 18.03 -7.56 -6.04
CA ARG A 322 17.18 -6.54 -5.46
C ARG A 322 17.18 -6.69 -3.94
N ALA A 323 16.71 -5.64 -3.26
CA ALA A 323 16.81 -5.59 -1.81
C ALA A 323 15.80 -6.48 -1.10
N ALA A 324 14.66 -6.79 -1.74
CA ALA A 324 13.57 -7.47 -1.07
C ALA A 324 12.57 -7.95 -2.12
N PRO A 325 11.51 -8.67 -1.73
CA PRO A 325 10.42 -8.94 -2.69
C PRO A 325 9.86 -7.63 -3.25
N LEU A 326 9.32 -7.70 -4.46
CA LEU A 326 8.80 -6.50 -5.11
C LEU A 326 7.72 -5.85 -4.26
N GLY A 327 7.80 -4.53 -4.15
CA GLY A 327 6.82 -3.77 -3.41
C GLY A 327 7.08 -3.65 -1.91
N TYR A 328 8.07 -4.36 -1.38
CA TYR A 328 8.36 -4.28 0.05
C TYR A 328 8.67 -2.84 0.44
N PRO A 329 8.23 -2.38 1.61
CA PRO A 329 8.48 -0.99 2.01
C PRO A 329 9.96 -0.61 1.90
N ASP A 330 10.19 0.60 1.42
CA ASP A 330 11.54 1.13 1.26
C ASP A 330 11.80 2.33 2.16
N PHE A 331 11.08 2.39 3.29
CA PHE A 331 11.25 3.43 4.30
C PHE A 331 11.36 2.77 5.67
N SER A 332 11.58 3.59 6.69
CA SER A 332 11.82 3.11 8.04
C SER A 332 10.71 3.55 8.98
N GLY A 333 10.70 2.96 10.17
CA GLY A 333 9.68 3.19 11.17
C GLY A 333 9.05 1.90 11.62
N GLN A 334 8.04 2.05 12.48
CA GLN A 334 7.26 0.91 12.98
C GLN A 334 5.97 0.84 12.18
N LEU A 335 5.85 -0.18 11.33
CA LEU A 335 4.72 -0.30 10.41
C LEU A 335 3.63 -1.17 11.03
N GLU A 336 2.41 -0.64 11.01
CA GLU A 336 1.23 -1.43 11.39
C GLU A 336 0.68 -2.11 10.14
N ILE A 337 0.65 -3.43 10.14
CA ILE A 337 0.23 -4.22 9.00
C ILE A 337 -1.05 -4.97 9.34
N GLU A 338 -1.83 -5.29 8.32
CA GLU A 338 -3.07 -6.04 8.48
C GLU A 338 -3.01 -7.30 7.64
N VAL A 339 -3.29 -8.44 8.27
CA VAL A 339 -3.33 -9.72 7.58
C VAL A 339 -4.62 -10.42 7.98
N GLN A 340 -5.09 -11.29 7.10
CA GLN A 340 -6.25 -12.12 7.39
C GLN A 340 -5.80 -13.34 8.20
N THR A 341 -6.48 -13.59 9.32
CA THR A 341 -6.14 -14.70 10.20
C THR A 341 -7.36 -15.57 10.44
N GLU A 342 -7.11 -16.75 10.98
CA GLU A 342 -8.18 -17.67 11.36
C GLU A 342 -7.69 -18.52 12.52
N THR A 343 -8.61 -18.94 13.37
CA THR A 343 -8.31 -19.75 14.53
C THR A 343 -8.87 -21.16 14.37
N THR A 344 -8.39 -22.05 15.23
CA THR A 344 -9.04 -23.35 15.39
C THR A 344 -10.27 -23.24 16.29
N LYS A 345 -10.27 -22.27 17.20
CA LYS A 345 -11.34 -22.09 18.18
C LYS A 345 -12.65 -21.71 17.52
N LYS A 349 -14.56 -18.05 12.37
CA LYS A 349 -14.61 -17.33 11.10
C LYS A 349 -13.31 -16.55 10.85
N LEU A 350 -13.18 -16.04 9.63
CA LEU A 350 -12.00 -15.29 9.25
C LEU A 350 -12.04 -13.90 9.85
N LYS A 351 -10.88 -13.37 10.21
CA LYS A 351 -10.77 -12.04 10.80
C LYS A 351 -9.55 -11.34 10.23
N VAL A 352 -9.50 -10.03 10.47
CA VAL A 352 -8.35 -9.21 10.10
C VAL A 352 -7.63 -8.80 11.38
N THR A 353 -6.35 -9.14 11.46
CA THR A 353 -5.54 -8.89 12.64
C THR A 353 -4.44 -7.89 12.31
N THR A 354 -4.22 -6.94 13.22
CA THR A 354 -3.20 -5.91 13.05
C THR A 354 -1.94 -6.30 13.80
N PHE A 355 -0.82 -6.41 13.08
CA PHE A 355 0.48 -6.70 13.67
C PHE A 355 1.37 -5.47 13.61
N GLU A 356 2.35 -5.43 14.51
CA GLU A 356 3.40 -4.42 14.51
C GLU A 356 4.65 -5.01 13.88
N MET A 357 5.20 -4.32 12.89
CA MET A 357 6.41 -4.77 12.21
C MET A 357 7.40 -3.61 12.11
N ILE A 358 8.58 -3.78 12.71
CA ILE A 358 9.60 -2.74 12.66
C ILE A 358 10.37 -2.87 11.34
N LEU A 359 10.44 -1.77 10.60
CA LEU A 359 11.14 -1.75 9.32
C LEU A 359 12.60 -1.37 9.46
N GLY A 360 12.92 -0.45 10.36
CA GLY A 360 14.25 0.13 10.41
C GLY A 360 14.24 1.49 11.09
N PRO A 361 15.33 2.26 10.96
CA PRO A 361 16.54 2.02 10.15
C PRO A 361 17.37 0.83 10.64
N THR A 362 17.51 0.72 11.95
CA THR A 362 18.12 -0.45 12.59
C THR A 362 17.11 -1.04 13.57
N THR A 363 17.15 -2.35 13.74
CA THR A 363 16.25 -3.03 14.65
C THR A 363 17.03 -4.01 15.52
N ASN A 364 16.38 -4.45 16.60
CA ASN A 364 16.85 -5.58 17.39
C ASN A 364 16.05 -6.85 17.07
N VAL A 365 15.46 -6.91 15.88
CA VAL A 365 14.63 -8.03 15.46
C VAL A 365 15.30 -8.87 14.37
N ASP A 366 16.45 -8.42 13.85
CA ASP A 366 17.15 -9.11 12.76
C ASP A 366 16.24 -9.27 11.55
N GLN A 367 15.66 -8.16 11.09
CA GLN A 367 14.84 -8.22 9.90
C GLN A 367 15.74 -8.42 8.69
N ALA A 368 15.34 -9.32 7.81
CA ALA A 368 16.12 -9.64 6.61
C ALA A 368 15.18 -10.00 5.47
N PRO A 369 14.40 -9.03 4.98
CA PRO A 369 13.56 -9.31 3.80
C PRO A 369 14.37 -9.73 2.59
N TYR A 370 15.63 -9.30 2.48
CA TYR A 370 16.48 -9.81 1.41
C TYR A 370 16.63 -11.33 1.49
N GLN A 371 16.70 -11.85 2.71
CA GLN A 371 16.71 -13.30 2.91
C GLN A 371 15.32 -13.90 2.92
N GLY A 372 14.27 -13.08 2.85
CA GLY A 372 12.92 -13.60 2.91
C GLY A 372 12.43 -13.85 4.32
N ARG A 373 12.95 -13.12 5.30
CA ARG A 373 12.66 -13.38 6.71
C ARG A 373 12.35 -12.08 7.42
N VAL A 374 11.13 -11.96 7.96
CA VAL A 374 10.72 -10.83 8.76
C VAL A 374 9.84 -11.32 9.91
N TYR A 375 9.87 -10.58 11.00
CA TYR A 375 9.11 -10.91 12.20
C TYR A 375 8.18 -9.76 12.56
N ALA A 376 7.02 -10.10 13.12
CA ALA A 376 6.05 -9.12 13.58
C ALA A 376 5.40 -9.63 14.86
N SER A 377 4.73 -8.73 15.56
CA SER A 377 4.10 -9.09 16.84
C SER A 377 2.95 -8.14 17.12
N LEU A 378 2.12 -8.54 18.09
CA LEU A 378 1.02 -7.73 18.56
C LEU A 378 0.80 -8.02 20.03
N THR A 379 0.54 -6.97 20.82
CA THR A 379 0.32 -7.12 22.25
C THR A 379 -0.96 -7.90 22.50
N ALA A 380 -0.87 -8.89 23.40
CA ALA A 380 -2.02 -9.73 23.73
C ALA A 380 -1.78 -10.37 25.09
N VAL A 381 -2.83 -10.44 25.90
CA VAL A 381 -2.70 -11.11 27.20
C VAL A 381 -2.64 -12.63 27.05
N ALA A 382 -3.20 -13.18 25.97
CA ALA A 382 -3.19 -14.63 25.76
C ALA A 382 -3.15 -14.92 24.26
N SER A 383 -2.86 -16.17 23.93
CA SER A 383 -2.73 -16.57 22.54
C SER A 383 -4.00 -16.29 21.75
N LEU A 384 -3.83 -15.88 20.50
CA LEU A 384 -4.94 -15.69 19.58
C LEU A 384 -5.33 -16.97 18.86
N ASP A 385 -4.62 -18.07 19.14
CA ASP A 385 -4.87 -19.38 18.55
C ASP A 385 -4.91 -19.30 17.02
N LEU A 386 -3.95 -18.59 16.45
CA LEU A 386 -3.92 -18.42 15.00
C LEU A 386 -3.44 -19.69 14.31
N VAL A 387 -3.99 -19.94 13.13
CA VAL A 387 -3.59 -21.05 12.28
C VAL A 387 -2.55 -20.55 11.28
N ASP A 388 -1.49 -21.33 11.11
CA ASP A 388 -0.45 -20.95 10.16
C ASP A 388 -0.98 -20.99 8.73
N GLY A 389 -0.41 -20.16 7.87
CA GLY A 389 -0.84 -20.14 6.49
C GLY A 389 -0.30 -18.93 5.75
N ARG A 390 -0.71 -18.84 4.49
CA ARG A 390 -0.28 -17.76 3.62
C ARG A 390 -1.04 -16.48 3.92
N VAL A 391 -0.35 -15.34 3.83
CA VAL A 391 -0.94 -14.05 4.17
C VAL A 391 -0.54 -13.00 3.13
N ARG A 392 -1.36 -11.96 3.07
CA ARG A 392 -1.02 -10.70 2.41
C ARG A 392 -1.10 -9.61 3.46
N ALA A 393 -0.02 -8.85 3.60
CA ALA A 393 0.07 -7.79 4.60
C ALA A 393 -0.06 -6.44 3.92
N VAL A 394 -1.06 -5.66 4.33
CA VAL A 394 -1.25 -4.31 3.78
C VAL A 394 -0.92 -3.31 4.88
N PRO A 395 -0.39 -2.13 4.53
CA PRO A 395 0.00 -1.17 5.57
C PRO A 395 -1.21 -0.43 6.11
N ARG A 396 -1.30 -0.33 7.43
CA ARG A 396 -2.38 0.40 8.08
C ARG A 396 -1.93 1.79 8.52
N SER A 397 -0.73 1.90 9.07
CA SER A 397 -0.20 3.18 9.53
C SER A 397 1.29 3.02 9.77
N ILE A 398 1.92 4.09 10.24
CA ILE A 398 3.36 4.11 10.46
C ILE A 398 3.65 4.95 11.68
N TYR A 399 4.56 4.48 12.51
CA TYR A 399 4.96 5.15 13.74
C TYR A 399 6.45 5.40 13.67
N GLY A 400 6.86 6.65 13.82
CA GLY A 400 8.26 7.01 13.73
C GLY A 400 8.81 6.93 12.33
N PHE A 401 8.06 7.45 11.35
CA PHE A 401 8.48 7.36 9.96
C PHE A 401 9.79 8.10 9.73
N GLN A 402 10.68 7.47 8.96
CA GLN A 402 11.89 8.11 8.48
C GLN A 402 12.10 7.69 7.04
N ASP A 403 12.35 8.66 6.16
CA ASP A 403 12.57 8.34 4.75
C ASP A 403 14.02 7.92 4.52
N VAL A 404 14.39 6.82 5.16
CA VAL A 404 15.66 6.15 4.92
C VAL A 404 15.37 4.67 4.71
N ILE A 405 16.25 4.01 3.98
CA ILE A 405 15.97 2.62 3.60
C ILE A 405 15.91 1.74 4.85
N PRO A 406 15.05 0.73 4.90
CA PRO A 406 14.91 -0.09 6.10
C PRO A 406 16.07 -1.07 6.25
N GLU A 407 15.97 -1.92 7.27
CA GLU A 407 16.94 -2.99 7.50
C GLU A 407 16.58 -4.14 6.57
N TYR A 408 17.28 -4.22 5.43
CA TYR A 408 16.98 -5.22 4.43
C TYR A 408 17.62 -6.57 4.71
N ASN A 409 18.71 -6.63 5.46
CA ASN A 409 19.48 -7.87 5.57
C ASN A 409 20.23 -7.92 6.90
N ASP A 410 19.49 -7.72 8.00
CA ASP A 410 20.04 -7.90 9.34
C ASP A 410 21.28 -7.04 9.58
N GLY A 411 21.33 -5.87 8.96
CA GLY A 411 22.48 -4.98 9.06
C GLY A 411 23.52 -5.16 7.98
N LEU A 412 23.46 -6.24 7.20
CA LEU A 412 24.40 -6.45 6.12
C LEU A 412 23.99 -5.64 4.88
N LEU A 413 24.92 -5.55 3.93
CA LEU A 413 24.67 -4.82 2.70
C LEU A 413 23.73 -5.61 1.80
N VAL A 414 23.00 -4.89 0.95
CA VAL A 414 22.13 -5.50 -0.06
C VAL A 414 22.29 -4.79 -1.38
N PRO A 415 21.96 -5.45 -2.49
CA PRO A 415 21.88 -4.77 -3.78
C PRO A 415 20.77 -3.73 -3.75
N LEU A 416 21.09 -2.52 -4.20
CA LEU A 416 20.16 -1.41 -4.17
C LEU A 416 20.14 -0.70 -5.52
N ALA A 417 18.97 -0.20 -5.89
CA ALA A 417 18.90 0.79 -6.94
C ALA A 417 19.72 2.01 -6.52
N PRO A 418 20.49 2.61 -7.41
CA PRO A 418 21.37 3.72 -7.02
C PRO A 418 20.58 4.91 -6.54
N PRO A 419 21.21 5.85 -5.84
CA PRO A 419 20.51 7.09 -5.47
C PRO A 419 20.03 7.81 -6.72
N ILE A 420 18.90 8.51 -6.57
CA ILE A 420 18.35 9.26 -7.69
C ILE A 420 19.29 10.40 -8.04
N GLY A 421 19.62 10.51 -9.32
CA GLY A 421 20.58 11.50 -9.79
C GLY A 421 21.50 10.91 -10.83
N PRO A 422 22.49 11.69 -11.29
CA PRO A 422 22.82 13.03 -10.80
C PRO A 422 21.98 14.13 -11.44
N PHE A 423 22.08 15.34 -10.88
CA PHE A 423 21.39 16.52 -11.40
C PHE A 423 22.42 17.54 -11.86
N LEU A 424 22.04 18.33 -12.85
CA LEU A 424 22.88 19.46 -13.25
C LEU A 424 22.86 20.51 -12.14
N PRO A 425 23.83 21.42 -12.13
CA PRO A 425 23.76 22.56 -11.21
C PRO A 425 22.46 23.33 -11.42
N GLY A 426 21.77 23.61 -10.31
CA GLY A 426 20.50 24.30 -10.37
C GLY A 426 19.30 23.40 -10.60
N GLU A 427 19.51 22.12 -10.87
CA GLU A 427 18.42 21.17 -11.07
C GLU A 427 18.05 20.50 -9.75
N VAL A 428 16.76 20.29 -9.54
CA VAL A 428 16.24 19.64 -8.35
C VAL A 428 15.20 18.60 -8.74
N LEU A 429 15.01 17.63 -7.87
CA LEU A 429 14.11 16.51 -8.14
C LEU A 429 12.65 16.96 -8.10
N LEU A 430 11.88 16.54 -9.09
CA LEU A 430 10.43 16.72 -9.05
C LEU A 430 9.81 15.62 -8.21
N ARG A 431 8.96 16.00 -7.26
CA ARG A 431 8.44 15.09 -6.25
C ARG A 431 6.94 14.95 -6.40
N PHE A 432 6.47 13.70 -6.51
CA PHE A 432 5.05 13.37 -6.42
C PHE A 432 4.76 12.95 -4.98
N ARG A 433 3.89 13.69 -4.31
CA ARG A 433 3.72 13.60 -2.86
C ARG A 433 2.35 13.03 -2.50
N THR A 434 2.34 12.14 -1.51
CA THR A 434 1.13 11.75 -0.81
C THR A 434 1.38 11.86 0.69
N TYR A 435 0.37 11.55 1.48
CA TYR A 435 0.46 11.61 2.93
C TYR A 435 0.04 10.27 3.49
N MET A 436 0.89 9.70 4.34
CA MET A 436 0.64 8.39 4.94
C MET A 436 -0.04 8.51 6.30
N ARG A 437 -0.87 7.52 6.61
CA ARG A 437 -1.49 7.43 7.93
C ARG A 437 -0.41 7.19 8.98
N GLN A 438 -0.41 8.01 10.02
CA GLN A 438 0.65 8.02 11.01
C GLN A 438 0.04 7.99 12.42
N LEU A 439 0.84 7.53 13.38
CA LEU A 439 0.42 7.47 14.77
C LEU A 439 1.10 8.51 15.66
N ASP A 440 2.26 9.03 15.27
CA ASP A 440 2.93 10.05 16.05
C ASP A 440 2.95 11.40 15.32
N ALA A 444 0.56 16.41 14.91
CA ALA A 444 -0.68 16.37 14.12
C ALA A 444 -0.42 16.77 12.68
N ALA A 445 0.77 17.29 12.41
CA ALA A 445 1.13 17.69 11.05
C ALA A 445 1.20 16.47 10.15
N ALA A 446 0.79 16.64 8.89
CA ALA A 446 0.72 15.53 7.96
C ALA A 446 2.10 14.97 7.67
N GLU A 447 2.15 13.67 7.37
CA GLU A 447 3.39 12.95 7.14
C GLU A 447 3.56 12.73 5.64
N ALA A 448 4.38 13.57 5.02
CA ALA A 448 4.57 13.52 3.57
C ALA A 448 5.57 12.43 3.19
N ILE A 449 5.33 11.83 2.03
CA ILE A 449 6.29 10.91 1.42
C ILE A 449 6.25 11.13 -0.09
N ASP A 450 7.43 11.17 -0.71
CA ASP A 450 7.57 11.51 -2.11
C ASP A 450 8.00 10.30 -2.92
N CYS A 451 7.69 10.35 -4.22
CA CYS A 451 8.20 9.37 -5.18
C CYS A 451 8.56 10.08 -6.47
N ALA A 452 9.34 9.40 -7.31
CA ALA A 452 9.88 10.02 -8.50
C ALA A 452 8.88 10.04 -9.65
N LEU A 453 7.98 9.06 -9.72
CA LEU A 453 7.02 8.97 -10.81
C LEU A 453 5.73 8.37 -10.29
N PRO A 454 4.58 8.73 -10.86
CA PRO A 454 3.34 8.01 -10.55
C PRO A 454 3.45 6.56 -10.98
N GLN A 455 2.71 5.69 -10.27
CA GLN A 455 2.72 4.27 -10.61
C GLN A 455 2.22 4.05 -12.03
N GLU A 456 1.30 4.89 -12.51
CA GLU A 456 0.81 4.76 -13.87
C GLU A 456 1.92 4.99 -14.89
N PHE A 457 2.87 5.87 -14.58
CA PHE A 457 4.00 6.07 -15.49
C PHE A 457 4.95 4.87 -15.47
N ILE A 458 5.06 4.20 -14.32
CA ILE A 458 5.92 3.02 -14.23
C ILE A 458 5.36 1.90 -15.09
N SER A 459 4.08 1.60 -14.94
CA SER A 459 3.47 0.57 -15.77
C SER A 459 3.40 0.99 -17.23
N TRP A 460 3.32 2.30 -17.49
CA TRP A 460 3.32 2.79 -18.87
C TRP A 460 4.65 2.45 -19.55
N PHE A 461 5.76 2.78 -18.90
CA PHE A 461 7.07 2.47 -19.47
C PHE A 461 7.30 0.96 -19.52
N ALA A 462 6.90 0.24 -18.47
CA ALA A 462 7.08 -1.21 -18.46
C ALA A 462 6.28 -1.88 -19.57
N SER A 463 5.12 -1.33 -19.91
CA SER A 463 4.27 -1.94 -20.93
C SER A 463 4.69 -1.55 -22.35
N ASN A 464 5.30 -0.38 -22.51
CA ASN A 464 5.61 0.12 -23.84
C ASN A 464 6.99 -0.31 -24.34
N ALA A 465 7.96 -0.45 -23.45
CA ALA A 465 9.33 -0.81 -23.80
C ALA A 465 9.84 0.09 -24.92
N PHE A 466 9.86 1.39 -24.64
CA PHE A 466 10.33 2.37 -25.62
C PHE A 466 11.82 2.21 -25.89
N THR A 467 12.24 2.65 -27.07
CA THR A 467 13.64 2.74 -27.42
C THR A 467 14.19 4.07 -26.91
N VAL A 468 15.27 4.02 -26.15
CA VAL A 468 15.89 5.21 -25.58
C VAL A 468 16.90 5.77 -26.56
N GLN A 469 16.75 7.04 -26.92
CA GLN A 469 17.58 7.66 -27.93
C GLN A 469 18.60 8.65 -27.38
N SER A 470 18.43 9.13 -26.16
CA SER A 470 19.34 10.14 -25.61
C SER A 470 19.32 10.05 -24.09
N ASP A 471 19.99 11.01 -23.44
CA ASP A 471 20.14 10.98 -22.00
C ASP A 471 18.84 11.33 -21.28
N ALA A 472 18.00 12.17 -21.88
CA ALA A 472 16.82 12.66 -21.18
C ALA A 472 15.77 13.07 -22.20
N LEU A 473 14.55 13.24 -21.70
CA LEU A 473 13.43 13.74 -22.50
C LEU A 473 13.01 15.10 -21.97
N LEU A 474 12.84 16.06 -22.87
CA LEU A 474 12.29 17.35 -22.50
C LEU A 474 10.78 17.22 -22.37
N LEU A 475 10.25 17.52 -21.19
CA LEU A 475 8.83 17.45 -20.92
C LEU A 475 8.27 18.84 -20.67
N ARG A 476 7.01 19.03 -21.02
CA ARG A 476 6.25 20.23 -20.67
C ARG A 476 5.02 19.81 -19.88
N TYR A 477 4.82 20.46 -18.72
CA TYR A 477 3.67 20.23 -17.87
C TYR A 477 2.65 21.31 -18.18
N ARG A 478 1.51 20.90 -18.76
CA ARG A 478 0.49 21.83 -19.24
C ARG A 478 -0.83 21.58 -18.54
N ASN A 479 -1.65 22.62 -18.44
CA ASN A 479 -3.00 22.48 -17.93
C ASN A 479 -3.82 21.60 -18.86
N THR A 480 -4.61 20.70 -18.27
CA THR A 480 -5.38 19.74 -19.06
C THR A 480 -6.46 20.41 -19.87
N LEU A 481 -7.16 21.39 -19.29
CA LEU A 481 -8.31 21.99 -19.97
C LEU A 481 -7.88 22.99 -21.03
N THR A 482 -6.84 23.77 -20.77
CA THR A 482 -6.44 24.87 -21.65
C THR A 482 -5.18 24.62 -22.46
N GLY A 483 -4.25 23.82 -21.95
CA GLY A 483 -2.96 23.65 -22.59
C GLY A 483 -1.89 24.63 -22.15
N GLN A 484 -2.22 25.55 -21.24
CA GLN A 484 -1.25 26.54 -20.76
C GLN A 484 -0.03 25.86 -20.15
N LEU A 485 1.15 26.36 -20.51
CA LEU A 485 2.41 25.80 -20.02
C LEU A 485 2.68 26.24 -18.59
N LEU A 486 2.97 25.28 -17.71
CA LEU A 486 3.29 25.55 -16.31
C LEU A 486 4.79 25.50 -16.03
N PHE A 487 5.48 24.47 -16.53
CA PHE A 487 6.94 24.43 -16.49
C PHE A 487 7.44 23.40 -17.48
N GLU A 488 8.73 23.51 -17.82
CA GLU A 488 9.41 22.48 -18.58
C GLU A 488 10.41 21.77 -17.67
N CYS A 489 10.62 20.48 -17.95
CA CYS A 489 11.47 19.66 -17.10
C CYS A 489 12.15 18.61 -17.95
N LYS A 490 13.11 17.92 -17.35
CA LYS A 490 13.87 16.85 -18.01
C LYS A 490 13.57 15.53 -17.32
N LEU A 491 13.00 14.59 -18.07
CA LEU A 491 12.85 13.22 -17.61
C LEU A 491 14.10 12.46 -18.03
N TYR A 492 15.03 12.27 -17.10
CA TYR A 492 16.23 11.50 -17.39
C TYR A 492 15.85 10.06 -17.68
N SER A 493 16.64 9.41 -18.53
CA SER A 493 16.35 8.04 -18.93
C SER A 493 16.36 7.08 -17.74
N GLU A 494 17.04 7.45 -16.65
CA GLU A 494 17.10 6.61 -15.46
C GLU A 494 15.84 6.71 -14.59
N GLY A 495 14.85 7.49 -15.00
CA GLY A 495 13.54 7.44 -14.39
C GLY A 495 13.23 8.51 -13.35
N TYR A 496 13.84 9.68 -13.44
CA TYR A 496 13.55 10.77 -12.51
C TYR A 496 13.48 12.08 -13.28
N ILE A 497 12.68 13.00 -12.77
CA ILE A 497 12.41 14.28 -13.42
C ILE A 497 13.11 15.39 -12.66
N ALA A 498 13.75 16.29 -13.40
CA ALA A 498 14.46 17.43 -12.83
C ALA A 498 13.85 18.73 -13.33
N LEU A 499 13.78 19.71 -12.43
CA LEU A 499 13.43 21.08 -12.79
C LEU A 499 14.61 21.99 -12.42
N SER A 500 14.73 23.10 -13.13
CA SER A 500 15.72 24.12 -12.80
C SER A 500 15.09 25.10 -11.82
N TYR A 501 15.54 25.05 -10.56
CA TYR A 501 14.96 25.86 -9.51
C TYR A 501 16.06 26.25 -8.52
N SER A 502 16.12 27.55 -8.20
CA SER A 502 17.17 28.07 -7.34
C SER A 502 16.63 28.64 -6.04
N GLY A 503 15.34 28.46 -5.76
CA GLY A 503 14.79 28.95 -4.52
C GLY A 503 15.27 28.17 -3.32
N SER A 504 15.00 28.72 -2.14
CA SER A 504 15.43 28.10 -0.89
C SER A 504 14.38 27.13 -0.35
N GLY A 505 13.10 27.50 -0.40
CA GLY A 505 12.05 26.70 0.16
C GLY A 505 11.28 25.92 -0.90
N PRO A 506 10.24 25.21 -0.47
CA PRO A 506 9.46 24.40 -1.41
C PRO A 506 8.66 25.25 -2.38
N LEU A 507 8.41 24.69 -3.55
CA LEU A 507 7.57 25.30 -4.57
C LEU A 507 6.60 24.24 -5.06
N THR A 508 5.32 24.38 -4.72
CA THR A 508 4.30 23.42 -5.11
C THR A 508 3.65 23.86 -6.42
N PHE A 509 3.22 22.88 -7.20
CA PHE A 509 2.64 23.10 -8.52
C PHE A 509 1.21 22.56 -8.55
N PRO A 510 0.37 23.08 -9.45
CA PRO A 510 -0.97 22.50 -9.64
C PRO A 510 -0.86 21.03 -10.03
N THR A 511 -1.81 20.24 -9.53
CA THR A 511 -1.84 18.80 -9.78
C THR A 511 -2.85 18.42 -10.87
N ASP A 512 -3.47 19.40 -11.53
CA ASP A 512 -4.45 19.15 -12.57
C ASP A 512 -3.90 19.40 -13.96
N GLY A 513 -2.58 19.32 -14.13
CA GLY A 513 -1.95 19.43 -15.44
C GLY A 513 -1.60 18.07 -16.03
N PHE A 514 -0.88 18.11 -17.14
CA PHE A 514 -0.41 16.88 -17.77
C PHE A 514 0.95 17.11 -18.39
N PHE A 515 1.74 16.04 -18.44
CA PHE A 515 3.07 16.08 -19.06
C PHE A 515 2.99 15.64 -20.51
N GLU A 516 3.71 16.35 -21.38
CA GLU A 516 3.84 15.93 -22.77
C GLU A 516 5.31 15.86 -23.14
N VAL A 517 5.68 14.80 -23.86
CA VAL A 517 7.05 14.61 -24.32
C VAL A 517 7.29 15.54 -25.50
N VAL A 518 8.37 16.32 -25.44
CA VAL A 518 8.71 17.23 -26.53
C VAL A 518 9.73 16.56 -27.44
N SER A 519 10.88 16.20 -26.90
CA SER A 519 11.98 15.68 -27.72
C SER A 519 13.03 15.05 -26.81
N TRP A 520 14.00 14.41 -27.45
CA TRP A 520 15.20 13.95 -26.75
C TRP A 520 16.20 15.09 -26.65
N VAL A 521 16.83 15.20 -25.48
CA VAL A 521 17.83 16.25 -25.25
C VAL A 521 19.06 15.62 -24.61
N PRO A 522 20.24 16.21 -24.77
CA PRO A 522 21.41 15.70 -24.06
C PRO A 522 21.34 16.02 -22.57
N ARG A 523 22.19 15.34 -21.81
CA ARG A 523 22.21 15.53 -20.36
C ARG A 523 22.44 16.99 -19.98
N LEU A 524 23.25 17.70 -20.76
CA LEU A 524 23.62 19.07 -20.45
C LEU A 524 22.58 20.10 -20.88
N PHE A 525 21.42 19.66 -21.37
CA PHE A 525 20.37 20.59 -21.76
C PHE A 525 19.95 21.44 -20.57
N GLN A 526 20.01 22.76 -20.76
CA GLN A 526 19.72 23.70 -19.69
C GLN A 526 18.24 24.07 -19.73
N LEU A 527 17.53 23.79 -18.64
CA LEU A 527 16.11 24.07 -18.55
C LEU A 527 15.85 25.54 -18.22
N ALA A 528 14.67 26.01 -18.60
CA ALA A 528 14.21 27.31 -18.16
C ALA A 528 13.85 27.24 -16.68
N SER A 529 14.32 28.22 -15.91
CA SER A 529 14.12 28.19 -14.47
C SER A 529 12.66 28.42 -14.10
N VAL A 530 12.26 27.87 -12.96
CA VAL A 530 10.94 28.13 -12.41
C VAL A 530 11.08 28.88 -11.09
N ARG B 228 -3.81 4.63 -33.83
CA ARG B 228 -3.33 3.29 -34.18
C ARG B 228 -4.34 2.22 -33.76
N MET B 229 -4.17 1.02 -34.31
CA MET B 229 -5.04 -0.09 -33.98
C MET B 229 -4.95 -0.42 -32.49
N VAL B 230 -6.09 -0.79 -31.90
CA VAL B 230 -6.12 -1.12 -30.48
C VAL B 230 -5.13 -2.23 -30.20
N ASP B 231 -4.36 -2.06 -29.12
CA ASP B 231 -3.49 -3.11 -28.62
C ASP B 231 -3.60 -3.12 -27.10
N LEU B 232 -3.08 -4.20 -26.51
CA LEU B 232 -3.08 -4.33 -25.07
C LEU B 232 -1.65 -4.51 -24.56
N PRO B 233 -1.36 -4.07 -23.34
CA PRO B 233 -0.07 -4.39 -22.73
C PRO B 233 0.04 -5.88 -22.49
N VAL B 234 1.28 -6.38 -22.51
CA VAL B 234 1.53 -7.80 -22.36
C VAL B 234 1.64 -8.16 -20.88
N LEU B 235 0.96 -7.39 -20.03
CA LEU B 235 1.01 -7.65 -18.60
C LEU B 235 0.24 -8.92 -18.25
N GLN B 236 0.83 -9.73 -17.38
CA GLN B 236 0.15 -10.92 -16.91
C GLN B 236 -0.94 -10.52 -15.90
N PRO B 237 -2.11 -11.18 -15.94
CA PRO B 237 -3.14 -10.88 -14.94
C PRO B 237 -2.66 -10.96 -13.50
N ARG B 238 -1.81 -11.94 -13.17
CA ARG B 238 -1.33 -12.08 -11.80
C ARG B 238 -0.44 -10.92 -11.35
N LEU B 239 -0.03 -10.04 -12.27
CA LEU B 239 0.76 -8.88 -11.94
C LEU B 239 -0.05 -7.59 -11.96
N CYS B 240 -1.36 -7.68 -12.20
CA CYS B 240 -2.20 -6.51 -12.39
C CYS B 240 -3.01 -6.19 -11.13
N THR B 241 -3.72 -5.07 -11.19
CA THR B 241 -4.45 -4.52 -10.06
C THR B 241 -5.95 -4.77 -10.24
N HIS B 242 -6.60 -5.28 -9.20
CA HIS B 242 -8.04 -5.48 -9.27
C HIS B 242 -8.75 -4.13 -9.28
N ALA B 243 -9.89 -4.08 -9.98
CA ALA B 243 -10.58 -2.82 -10.23
C ALA B 243 -11.78 -2.58 -9.33
N ARG B 244 -12.14 -3.53 -8.47
CA ARG B 244 -13.28 -3.36 -7.57
C ARG B 244 -12.94 -3.56 -6.09
N TRP B 245 -11.78 -4.14 -5.77
CA TRP B 245 -11.31 -4.26 -4.40
C TRP B 245 -9.80 -4.05 -4.45
N PRO B 246 -9.24 -3.24 -3.55
CA PRO B 246 -7.80 -2.91 -3.66
C PRO B 246 -6.90 -4.08 -3.26
N ALA B 247 -6.63 -4.96 -4.22
CA ALA B 247 -5.81 -6.14 -3.98
C ALA B 247 -5.27 -6.62 -5.32
N PRO B 248 -4.24 -7.46 -5.32
CA PRO B 248 -3.77 -8.04 -6.59
C PRO B 248 -4.81 -8.97 -7.18
N ILE B 249 -4.76 -9.11 -8.51
CA ILE B 249 -5.57 -10.10 -9.20
C ILE B 249 -4.94 -11.47 -8.97
N TYR B 250 -5.72 -12.41 -8.43
CA TYR B 250 -5.23 -13.74 -8.14
C TYR B 250 -5.79 -14.81 -9.05
N GLY B 251 -6.92 -14.57 -9.71
CA GLY B 251 -7.56 -15.60 -10.50
C GLY B 251 -8.13 -15.05 -11.79
N LEU B 252 -8.32 -15.96 -12.73
CA LEU B 252 -8.92 -15.67 -14.03
C LEU B 252 -9.81 -16.85 -14.39
N LEU B 253 -11.11 -16.60 -14.56
CA LEU B 253 -12.03 -17.72 -14.71
C LEU B 253 -13.30 -17.27 -15.41
N VAL B 254 -14.09 -18.26 -15.82
CA VAL B 254 -15.49 -18.13 -16.16
C VAL B 254 -16.28 -19.00 -15.20
N ASP B 255 -17.52 -18.58 -14.90
CA ASP B 255 -18.38 -19.33 -13.98
C ASP B 255 -19.82 -19.06 -14.36
N PRO B 256 -20.46 -19.96 -15.11
CA PRO B 256 -21.85 -19.72 -15.54
C PRO B 256 -22.86 -19.74 -14.40
N SER B 257 -22.48 -20.23 -13.21
CA SER B 257 -23.41 -20.26 -12.10
C SER B 257 -23.50 -18.92 -11.37
N LEU B 258 -22.66 -17.96 -11.70
CA LEU B 258 -22.68 -16.63 -11.14
C LEU B 258 -23.61 -15.73 -11.95
N PRO B 259 -24.04 -14.60 -11.39
CA PRO B 259 -24.87 -13.66 -12.16
C PRO B 259 -24.19 -13.27 -13.47
N SER B 260 -24.92 -13.44 -14.56
CA SER B 260 -24.33 -13.32 -15.89
C SER B 260 -24.14 -11.88 -16.34
N ASN B 261 -24.96 -10.95 -15.84
CA ASN B 261 -24.93 -9.55 -16.25
C ASN B 261 -24.81 -8.65 -15.03
N PRO B 262 -23.66 -8.67 -14.36
CA PRO B 262 -23.51 -7.83 -13.16
C PRO B 262 -23.53 -6.35 -13.51
N GLN B 263 -24.02 -5.55 -12.56
CA GLN B 263 -24.10 -4.10 -12.76
C GLN B 263 -23.02 -3.41 -11.94
N TRP B 264 -21.79 -3.91 -12.03
CA TRP B 264 -20.67 -3.28 -11.34
C TRP B 264 -20.51 -1.84 -11.81
N GLN B 265 -20.19 -0.94 -10.87
CA GLN B 265 -20.01 0.47 -11.20
C GLN B 265 -18.56 0.89 -11.25
N ASN B 266 -17.66 0.16 -10.59
CA ASN B 266 -16.23 0.35 -10.75
C ASN B 266 -15.69 -0.71 -11.71
N GLY B 267 -14.51 -0.44 -12.25
CA GLY B 267 -13.95 -1.33 -13.24
C GLY B 267 -14.66 -1.31 -14.57
N ARG B 268 -15.29 -0.18 -14.92
CA ARG B 268 -16.09 -0.04 -16.13
C ARG B 268 -15.46 1.02 -17.02
N VAL B 269 -15.12 0.64 -18.25
CA VAL B 269 -14.55 1.56 -19.22
C VAL B 269 -14.91 1.08 -20.62
N HIS B 270 -15.07 2.04 -21.53
CA HIS B 270 -15.18 1.71 -22.95
C HIS B 270 -13.79 1.55 -23.55
N VAL B 271 -13.73 0.81 -24.66
CA VAL B 271 -12.46 0.62 -25.35
C VAL B 271 -11.93 1.94 -25.87
N ASP B 272 -12.81 2.90 -26.15
CA ASP B 272 -12.35 4.22 -26.57
C ASP B 272 -11.82 5.07 -25.42
N GLY B 273 -11.82 4.55 -24.20
CA GLY B 273 -11.28 5.24 -23.05
C GLY B 273 -12.29 5.89 -22.14
N THR B 274 -13.56 5.89 -22.50
CA THR B 274 -14.59 6.54 -21.68
C THR B 274 -14.80 5.75 -20.39
N LEU B 275 -14.58 6.41 -19.26
CA LEU B 275 -14.82 5.80 -17.95
C LEU B 275 -16.32 5.79 -17.66
N LEU B 276 -16.83 4.64 -17.23
CA LEU B 276 -18.24 4.46 -16.95
C LEU B 276 -18.48 4.35 -15.45
N GLY B 277 -19.71 4.65 -15.03
CA GLY B 277 -20.08 4.53 -13.64
C GLY B 277 -19.22 5.38 -12.73
N THR B 278 -18.79 4.79 -11.62
CA THR B 278 -17.93 5.47 -10.66
C THR B 278 -16.47 5.07 -10.84
N THR B 279 -16.12 4.47 -11.97
CA THR B 279 -14.78 3.95 -12.20
C THR B 279 -13.75 5.06 -12.10
N PRO B 280 -12.73 4.92 -11.24
CA PRO B 280 -11.66 5.91 -11.19
C PRO B 280 -10.49 5.51 -12.06
N VAL B 281 -9.58 6.46 -12.26
CA VAL B 281 -8.36 6.18 -13.00
C VAL B 281 -7.40 5.35 -12.16
N SER B 282 -7.26 5.69 -10.88
CA SER B 282 -6.27 5.08 -10.00
C SER B 282 -6.89 3.93 -9.21
N GLY B 283 -6.14 2.83 -9.12
CA GLY B 283 -6.55 1.72 -8.27
C GLY B 283 -6.62 2.07 -6.80
N SER B 284 -5.92 3.12 -6.36
CA SER B 284 -5.96 3.52 -4.97
C SER B 284 -7.27 4.20 -4.59
N TRP B 285 -8.08 4.60 -5.56
CA TRP B 285 -9.41 5.13 -5.27
C TRP B 285 -10.45 4.03 -5.11
N VAL B 286 -10.11 2.80 -5.49
CA VAL B 286 -11.10 1.73 -5.61
C VAL B 286 -11.61 1.34 -4.22
N SER B 287 -12.93 1.36 -4.05
CA SER B 287 -13.59 0.98 -2.80
C SER B 287 -13.17 1.88 -1.64
N CYS B 288 -12.76 3.11 -1.94
CA CYS B 288 -12.43 4.11 -0.94
C CYS B 288 -13.33 5.33 -1.13
N PHE B 289 -13.27 6.25 -0.17
CA PHE B 289 -13.89 7.55 -0.35
C PHE B 289 -13.18 8.58 0.52
N ALA B 290 -13.46 9.85 0.25
CA ALA B 290 -12.98 10.97 1.04
C ALA B 290 -14.17 11.81 1.46
N ALA B 291 -14.02 12.53 2.57
CA ALA B 291 -15.15 13.26 3.11
C ALA B 291 -14.66 14.26 4.15
N GLU B 292 -15.51 15.25 4.41
CA GLU B 292 -15.42 16.04 5.62
C GLU B 292 -16.21 15.30 6.70
N ALA B 293 -15.54 14.94 7.79
CA ALA B 293 -16.13 14.11 8.82
C ALA B 293 -16.61 14.97 9.98
N ALA B 294 -17.81 14.69 10.44
CA ALA B 294 -18.39 15.32 11.63
C ALA B 294 -18.77 14.21 12.60
N TYR B 295 -18.17 14.24 13.78
CA TYR B 295 -18.30 13.16 14.74
C TYR B 295 -19.27 13.54 15.86
N GLU B 296 -19.81 12.52 16.49
CA GLU B 296 -20.85 12.69 17.52
C GLU B 296 -20.88 11.43 18.36
N PHE B 297 -21.27 11.59 19.63
CA PHE B 297 -21.47 10.47 20.53
C PHE B 297 -22.93 10.37 20.92
N GLN B 298 -23.47 9.15 20.89
CA GLN B 298 -24.84 8.88 21.31
C GLN B 298 -24.80 7.66 22.21
N SER B 299 -25.06 7.86 23.49
CA SER B 299 -25.07 6.78 24.49
C SER B 299 -25.95 5.60 24.07
N THR B 301 -25.64 3.93 21.32
CA THR B 301 -25.23 3.75 19.93
C THR B 301 -23.70 3.78 19.81
N GLY B 302 -23.10 4.78 20.45
CA GLY B 302 -21.66 4.95 20.44
C GLY B 302 -21.18 6.17 19.69
N GLU B 303 -19.97 6.09 19.12
CA GLU B 303 -19.44 7.18 18.31
C GLU B 303 -20.01 7.10 16.91
N VAL B 304 -20.61 8.19 16.44
CA VAL B 304 -21.24 8.24 15.13
C VAL B 304 -20.50 9.26 14.28
N ALA B 305 -20.29 8.92 13.01
CA ALA B 305 -19.60 9.78 12.06
C ALA B 305 -20.55 10.10 10.92
N THR B 306 -20.69 11.38 10.61
CA THR B 306 -21.41 11.85 9.43
C THR B 306 -20.40 12.33 8.40
N PHE B 307 -20.34 11.63 7.27
CA PHE B 307 -19.36 11.93 6.23
C PHE B 307 -20.04 12.72 5.13
N THR B 308 -19.61 13.96 4.94
CA THR B 308 -20.00 14.77 3.78
C THR B 308 -18.99 14.48 2.68
N LEU B 309 -19.42 13.75 1.65
CA LEU B 309 -18.49 13.20 0.68
C LEU B 309 -17.89 14.28 -0.20
N ILE B 310 -16.62 14.08 -0.55
CA ILE B 310 -15.93 14.85 -1.58
C ILE B 310 -15.29 13.85 -2.53
N GLU B 311 -14.87 14.34 -3.70
CA GLU B 311 -14.08 13.49 -4.57
C GLU B 311 -12.71 13.27 -3.95
N GLN B 312 -12.12 12.11 -4.23
CA GLN B 312 -10.93 11.70 -3.49
C GLN B 312 -9.72 12.56 -3.77
N ASP B 313 -9.75 13.40 -4.80
CA ASP B 313 -8.68 14.37 -5.03
C ASP B 313 -8.92 15.68 -4.29
N GLY B 314 -10.00 15.78 -3.51
CA GLY B 314 -10.30 16.98 -2.77
C GLY B 314 -11.26 17.93 -3.44
N SER B 315 -11.57 17.70 -4.72
CA SER B 315 -12.55 18.54 -5.38
C SER B 315 -13.96 18.22 -4.86
N ALA B 316 -14.86 19.18 -5.02
CA ALA B 316 -16.20 19.02 -4.49
C ALA B 316 -16.96 17.94 -5.24
N TYR B 317 -17.68 17.10 -4.50
CA TYR B 317 -18.57 16.14 -5.13
C TYR B 317 -19.89 16.84 -5.45
N VAL B 318 -20.30 16.76 -6.71
CA VAL B 318 -21.55 17.34 -7.19
C VAL B 318 -22.40 16.20 -7.73
N PRO B 319 -23.59 15.95 -7.19
CA PRO B 319 -24.45 14.89 -7.73
C PRO B 319 -24.70 15.09 -9.21
N GLY B 320 -24.42 14.06 -9.99
CA GLY B 320 -24.51 14.18 -11.44
C GLY B 320 -24.93 12.91 -12.14
N ASP B 321 -24.15 12.48 -13.14
CA ASP B 321 -24.51 11.38 -14.01
C ASP B 321 -23.90 10.05 -13.57
N ARG B 322 -23.44 9.95 -12.33
CA ARG B 322 -22.96 8.69 -11.77
C ARG B 322 -23.56 8.49 -10.38
N ALA B 323 -23.41 7.25 -9.89
CA ALA B 323 -24.10 6.86 -8.66
C ALA B 323 -23.48 7.46 -7.40
N ALA B 324 -22.21 7.85 -7.45
CA ALA B 324 -21.50 8.23 -6.24
C ALA B 324 -20.19 8.92 -6.60
N PRO B 325 -19.41 9.41 -5.63
CA PRO B 325 -18.04 9.83 -5.95
C PRO B 325 -17.26 8.68 -6.56
N LEU B 326 -16.29 9.02 -7.40
CA LEU B 326 -15.50 8.01 -8.09
C LEU B 326 -14.83 7.07 -7.08
N GLY B 327 -14.88 5.77 -7.39
CA GLY B 327 -14.26 4.76 -6.57
C GLY B 327 -15.09 4.27 -5.41
N TYR B 328 -16.23 4.88 -5.13
CA TYR B 328 -17.08 4.46 -4.02
C TYR B 328 -17.46 2.99 -4.19
N PRO B 329 -17.51 2.22 -3.10
CA PRO B 329 -17.83 0.80 -3.21
C PRO B 329 -19.11 0.55 -4.02
N ASP B 330 -19.07 -0.48 -4.85
CA ASP B 330 -20.20 -0.85 -5.70
C ASP B 330 -20.75 -2.22 -5.33
N PHE B 331 -20.58 -2.62 -4.07
CA PHE B 331 -21.08 -3.87 -3.53
C PHE B 331 -21.80 -3.59 -2.21
N SER B 332 -22.36 -4.64 -1.62
CA SER B 332 -23.17 -4.50 -0.41
C SER B 332 -22.53 -5.24 0.76
N GLY B 333 -23.04 -4.95 1.95
CA GLY B 333 -22.52 -5.50 3.18
C GLY B 333 -22.18 -4.42 4.18
N GLN B 334 -21.66 -4.85 5.32
CA GLN B 334 -21.20 -3.96 6.37
C GLN B 334 -19.69 -3.81 6.24
N LEU B 335 -19.24 -2.65 5.80
CA LEU B 335 -17.85 -2.41 5.49
C LEU B 335 -17.14 -1.81 6.70
N GLU B 336 -16.00 -2.38 7.06
CA GLU B 336 -15.13 -1.79 8.08
C GLU B 336 -14.17 -0.83 7.38
N ILE B 337 -14.24 0.45 7.74
CA ILE B 337 -13.41 1.47 7.10
C ILE B 337 -12.46 2.03 8.13
N GLU B 338 -11.32 2.53 7.65
CA GLU B 338 -10.30 3.11 8.50
C GLU B 338 -10.02 4.53 8.07
N VAL B 339 -10.03 5.45 9.03
CA VAL B 339 -9.77 6.86 8.78
C VAL B 339 -8.77 7.36 9.82
N GLN B 340 -8.05 8.41 9.45
CA GLN B 340 -7.17 9.10 10.37
C GLN B 340 -8.00 10.03 11.25
N THR B 341 -7.81 9.93 12.56
CA THR B 341 -8.56 10.73 13.51
C THR B 341 -7.61 11.47 14.43
N GLU B 342 -8.16 12.40 15.20
CA GLU B 342 -7.42 13.20 16.16
C GLU B 342 -8.33 13.47 17.34
N THR B 343 -7.79 13.31 18.54
CA THR B 343 -8.59 13.43 19.76
C THR B 343 -8.30 14.73 20.50
N LYS B 349 -2.01 12.02 19.78
CA LYS B 349 -2.60 12.92 18.79
C LYS B 349 -3.30 12.15 17.69
N LEU B 350 -2.58 11.87 16.60
CA LEU B 350 -3.17 11.17 15.47
C LEU B 350 -3.27 9.67 15.72
N LYS B 351 -4.38 9.09 15.27
CA LYS B 351 -4.63 7.66 15.36
C LYS B 351 -5.39 7.22 14.12
N VAL B 352 -5.46 5.91 13.91
CA VAL B 352 -6.28 5.32 12.85
C VAL B 352 -7.44 4.60 13.51
N THR B 353 -8.66 4.99 13.16
CA THR B 353 -9.87 4.47 13.79
C THR B 353 -10.69 3.68 12.77
N THR B 354 -11.21 2.54 13.21
CA THR B 354 -12.02 1.66 12.37
C THR B 354 -13.50 1.92 12.65
N PHE B 355 -14.24 2.32 11.62
CA PHE B 355 -15.68 2.54 11.73
C PHE B 355 -16.44 1.44 11.01
N GLU B 356 -17.69 1.25 11.42
CA GLU B 356 -18.61 0.34 10.75
C GLU B 356 -19.52 1.14 9.85
N MET B 357 -19.60 0.76 8.57
CA MET B 357 -20.42 1.47 7.61
C MET B 357 -21.26 0.47 6.83
N ILE B 358 -22.57 0.55 6.99
CA ILE B 358 -23.49 -0.33 6.27
C ILE B 358 -23.69 0.25 4.89
N LEU B 359 -23.43 -0.56 3.86
CA LEU B 359 -23.58 -0.10 2.49
C LEU B 359 -25.02 -0.22 2.03
N GLY B 360 -25.75 -1.20 2.55
CA GLY B 360 -27.12 -1.47 2.16
C GLY B 360 -27.26 -2.16 0.82
N PRO B 361 -28.51 -2.30 0.33
CA PRO B 361 -29.77 -1.81 0.91
C PRO B 361 -30.14 -2.49 2.23
N THR B 362 -30.49 -1.69 3.24
CA THR B 362 -30.82 -2.21 4.56
C THR B 362 -32.29 -2.03 4.89
N ASP B 366 -30.09 4.47 5.97
CA ASP B 366 -30.44 5.64 5.16
C ASP B 366 -29.19 6.26 4.52
N GLN B 367 -28.42 5.42 3.83
CA GLN B 367 -27.23 5.88 3.12
C GLN B 367 -27.61 6.56 1.81
N ALA B 368 -26.91 7.66 1.50
CA ALA B 368 -27.15 8.42 0.27
C ALA B 368 -25.84 9.00 -0.24
N PRO B 369 -24.89 8.14 -0.65
CA PRO B 369 -23.67 8.66 -1.26
C PRO B 369 -23.91 9.45 -2.54
N TYR B 370 -24.98 9.14 -3.28
CA TYR B 370 -25.34 9.95 -4.43
C TYR B 370 -25.62 11.40 -4.03
N GLN B 371 -26.22 11.59 -2.85
CA GLN B 371 -26.43 12.92 -2.30
C GLN B 371 -25.19 13.46 -1.61
N GLY B 372 -24.14 12.66 -1.48
CA GLY B 372 -22.92 13.07 -0.81
C GLY B 372 -22.94 12.95 0.70
N ARG B 373 -23.78 12.08 1.25
CA ARG B 373 -23.94 11.95 2.70
C ARG B 373 -24.01 10.47 3.06
N VAL B 374 -23.07 10.01 3.88
CA VAL B 374 -23.07 8.63 4.38
C VAL B 374 -22.72 8.65 5.86
N TYR B 375 -23.19 7.64 6.57
CA TYR B 375 -23.02 7.55 8.02
C TYR B 375 -22.27 6.28 8.38
N ALA B 376 -21.49 6.38 9.45
CA ALA B 376 -20.76 5.25 10.02
C ALA B 376 -20.80 5.38 11.53
N SER B 377 -20.46 4.30 12.22
CA SER B 377 -20.52 4.30 13.67
C SER B 377 -19.51 3.32 14.23
N LEU B 378 -19.24 3.46 15.53
CA LEU B 378 -18.34 2.58 16.25
C LEU B 378 -18.83 2.45 17.69
N THR B 379 -18.84 1.23 18.20
CA THR B 379 -19.29 1.00 19.58
C THR B 379 -18.29 1.60 20.55
N ALA B 380 -18.79 2.31 21.55
CA ALA B 380 -17.93 2.95 22.54
C ALA B 380 -18.70 3.25 23.82
N ALA B 382 -17.84 5.53 25.93
CA ALA B 382 -17.85 6.99 26.06
C ALA B 382 -17.31 7.66 24.81
N SER B 383 -17.54 8.97 24.71
CA SER B 383 -17.12 9.73 23.54
C SER B 383 -15.61 9.62 23.35
N LEU B 384 -15.19 9.58 22.08
CA LEU B 384 -13.78 9.55 21.73
C LEU B 384 -13.16 10.93 21.61
N ASP B 385 -13.96 11.99 21.81
CA ASP B 385 -13.49 13.37 21.73
C ASP B 385 -12.74 13.64 20.42
N LEU B 386 -13.31 13.16 19.33
CA LEU B 386 -12.68 13.31 18.01
C LEU B 386 -12.86 14.72 17.49
N VAL B 387 -11.86 15.19 16.75
CA VAL B 387 -11.91 16.50 16.11
C VAL B 387 -12.38 16.31 14.67
N ASP B 388 -13.33 17.14 14.25
CA ASP B 388 -13.84 17.08 12.89
C ASP B 388 -12.78 17.52 11.89
N GLY B 389 -12.87 17.00 10.68
CA GLY B 389 -11.92 17.35 9.64
C GLY B 389 -12.05 16.42 8.45
N ARG B 390 -11.15 16.62 7.49
CA ARG B 390 -11.14 15.84 6.27
C ARG B 390 -10.55 14.46 6.51
N VAL B 391 -11.11 13.45 5.84
CA VAL B 391 -10.67 12.07 6.00
C VAL B 391 -10.56 11.39 4.65
N ARG B 392 -9.75 10.33 4.61
CA ARG B 392 -9.76 9.33 3.55
C ARG B 392 -10.08 7.99 4.19
N ALA B 393 -11.08 7.31 3.67
CA ALA B 393 -11.54 6.03 4.23
C ALA B 393 -11.09 4.91 3.33
N VAL B 394 -10.33 3.97 3.89
CA VAL B 394 -9.85 2.80 3.15
C VAL B 394 -10.53 1.55 3.71
N PRO B 395 -10.78 0.53 2.89
CA PRO B 395 -11.47 -0.67 3.40
C PRO B 395 -10.52 -1.59 4.14
N ARG B 396 -10.95 -2.04 5.32
CA ARG B 396 -10.25 -3.03 6.12
C ARG B 396 -10.79 -4.44 5.93
N SER B 397 -12.11 -4.58 5.93
CA SER B 397 -12.77 -5.87 5.77
C SER B 397 -14.25 -5.60 5.50
N ILE B 398 -15.05 -6.66 5.39
CA ILE B 398 -16.47 -6.52 5.12
C ILE B 398 -17.21 -7.66 5.81
N TYR B 399 -18.40 -7.35 6.31
CA TYR B 399 -19.25 -8.32 6.98
C TYR B 399 -20.57 -8.43 6.22
N GLY B 400 -20.92 -9.65 5.84
CA GLY B 400 -22.13 -9.87 5.06
C GLY B 400 -22.06 -9.41 3.62
N PHE B 401 -20.96 -9.71 2.94
CA PHE B 401 -20.78 -9.25 1.56
C PHE B 401 -21.82 -9.84 0.62
N GLN B 402 -22.35 -8.99 -0.26
CA GLN B 402 -23.18 -9.41 -1.37
C GLN B 402 -22.82 -8.57 -2.58
N ASP B 403 -22.60 -9.24 -3.72
CA ASP B 403 -22.22 -8.54 -4.95
C ASP B 403 -23.46 -7.99 -5.66
N VAL B 404 -24.12 -7.07 -4.97
CA VAL B 404 -25.19 -6.25 -5.53
C VAL B 404 -24.87 -4.80 -5.18
N ILE B 405 -25.38 -3.87 -5.98
CA ILE B 405 -25.04 -2.47 -5.81
C ILE B 405 -25.53 -1.99 -4.44
N PRO B 406 -24.82 -1.08 -3.79
CA PRO B 406 -25.21 -0.63 -2.45
C PRO B 406 -26.40 0.31 -2.53
N GLU B 407 -26.78 0.84 -1.37
CA GLU B 407 -27.84 1.85 -1.30
C GLU B 407 -27.23 3.19 -1.65
N TYR B 408 -27.39 3.61 -2.90
CA TYR B 408 -26.77 4.86 -3.36
C TYR B 408 -27.59 6.09 -2.98
N ASN B 409 -28.90 5.93 -2.79
CA ASN B 409 -29.78 7.09 -2.67
C ASN B 409 -31.03 6.73 -1.87
N ASP B 410 -30.84 6.18 -0.67
CA ASP B 410 -31.93 5.86 0.25
C ASP B 410 -32.95 4.92 -0.38
N GLY B 411 -32.49 4.04 -1.28
CA GLY B 411 -33.38 3.12 -1.97
C GLY B 411 -33.89 3.64 -3.30
N LEU B 412 -33.75 4.94 -3.58
CA LEU B 412 -34.20 5.52 -4.82
C LEU B 412 -33.17 5.27 -5.93
N LEU B 413 -33.59 5.53 -7.17
CA LEU B 413 -32.74 5.29 -8.33
C LEU B 413 -31.63 6.35 -8.44
N VAL B 414 -30.54 5.93 -9.07
CA VAL B 414 -29.42 6.80 -9.43
C VAL B 414 -28.98 6.46 -10.85
N PRO B 415 -28.28 7.38 -11.51
CA PRO B 415 -27.66 7.01 -12.79
C PRO B 415 -26.62 5.94 -12.58
N LEU B 416 -26.71 4.88 -13.40
CA LEU B 416 -25.83 3.73 -13.28
C LEU B 416 -25.27 3.38 -14.64
N ALA B 417 -24.04 2.89 -14.64
CA ALA B 417 -23.55 2.19 -15.81
C ALA B 417 -24.43 0.97 -16.06
N PRO B 418 -24.77 0.66 -17.30
CA PRO B 418 -25.70 -0.43 -17.57
C PRO B 418 -25.13 -1.77 -17.12
N PRO B 419 -25.97 -2.79 -16.98
CA PRO B 419 -25.45 -4.13 -16.68
C PRO B 419 -24.47 -4.57 -17.76
N ILE B 420 -23.49 -5.38 -17.34
CA ILE B 420 -22.51 -5.90 -18.28
C ILE B 420 -23.19 -6.83 -19.26
N GLY B 421 -22.92 -6.65 -20.55
CA GLY B 421 -23.55 -7.40 -21.61
C GLY B 421 -23.90 -6.49 -22.77
N PRO B 422 -24.57 -7.03 -23.80
CA PRO B 422 -25.09 -8.41 -23.86
C PRO B 422 -24.07 -9.44 -24.34
N PHE B 423 -24.40 -10.71 -24.17
CA PHE B 423 -23.60 -11.82 -24.63
C PHE B 423 -24.37 -12.61 -25.67
N LEU B 424 -23.64 -13.23 -26.60
CA LEU B 424 -24.26 -14.18 -27.50
C LEU B 424 -24.67 -15.43 -26.70
N PRO B 425 -25.56 -16.25 -27.26
CA PRO B 425 -25.82 -17.54 -26.64
C PRO B 425 -24.53 -18.34 -26.49
N GLY B 426 -24.33 -18.91 -25.30
CA GLY B 426 -23.14 -19.66 -25.01
C GLY B 426 -21.94 -18.84 -24.59
N GLU B 427 -22.03 -17.52 -24.63
CA GLU B 427 -20.95 -16.66 -24.17
C GLU B 427 -21.13 -16.31 -22.70
N VAL B 428 -20.02 -16.28 -21.96
CA VAL B 428 -20.01 -15.96 -20.55
C VAL B 428 -18.90 -14.97 -20.26
N LEU B 429 -19.06 -14.24 -19.16
CA LEU B 429 -18.15 -13.18 -18.79
C LEU B 429 -16.81 -13.75 -18.30
N LEU B 430 -15.71 -13.19 -18.79
CA LEU B 430 -14.40 -13.50 -18.25
C LEU B 430 -14.18 -12.65 -17.00
N ARG B 431 -13.77 -13.30 -15.92
CA ARG B 431 -13.72 -12.68 -14.61
C ARG B 431 -12.29 -12.59 -14.12
N PHE B 432 -11.86 -11.37 -13.75
CA PHE B 432 -10.61 -11.17 -13.05
C PHE B 432 -10.91 -11.14 -11.56
N ARG B 433 -10.35 -12.08 -10.82
CA ARG B 433 -10.77 -12.37 -9.46
C ARG B 433 -9.69 -12.01 -8.45
N THR B 434 -10.12 -11.38 -7.36
CA THR B 434 -9.32 -11.25 -6.15
C THR B 434 -10.17 -11.71 -4.97
N TYR B 435 -9.60 -11.65 -3.78
CA TYR B 435 -10.30 -12.08 -2.58
C TYR B 435 -10.30 -10.95 -1.55
N MET B 436 -11.48 -10.61 -1.07
CA MET B 436 -11.61 -9.57 -0.05
C MET B 436 -11.61 -10.21 1.33
N ARG B 437 -11.52 -9.38 2.34
CA ARG B 437 -11.42 -9.86 3.71
C ARG B 437 -12.80 -9.80 4.33
N GLN B 438 -13.45 -10.95 4.41
CA GLN B 438 -14.77 -11.03 5.02
C GLN B 438 -14.64 -11.55 6.43
N LEU B 439 -15.60 -11.18 7.28
CA LEU B 439 -15.57 -11.54 8.69
C LEU B 439 -16.59 -12.61 9.06
N ASP B 440 -17.44 -13.01 8.13
CA ASP B 440 -18.47 -14.01 8.39
C ASP B 440 -18.30 -15.28 7.59
N THR B 441 -17.23 -15.41 6.80
CA THR B 441 -16.94 -16.63 6.06
C THR B 441 -15.75 -17.34 6.69
N ALA B 442 -15.79 -18.67 6.65
CA ALA B 442 -14.71 -19.49 7.16
C ALA B 442 -13.77 -19.98 6.08
N ASP B 443 -14.21 -20.02 4.83
CA ASP B 443 -13.39 -20.48 3.71
C ASP B 443 -12.88 -19.27 2.93
N ALA B 444 -11.56 -19.21 2.76
CA ALA B 444 -10.97 -18.12 1.99
C ALA B 444 -11.47 -18.12 0.55
N ALA B 445 -11.79 -19.30 0.00
CA ALA B 445 -12.28 -19.40 -1.37
C ALA B 445 -13.66 -18.77 -1.54
N ALA B 446 -14.38 -18.50 -0.47
CA ALA B 446 -15.69 -17.87 -0.55
C ALA B 446 -15.62 -16.35 -0.52
N GLU B 447 -14.43 -15.78 -0.43
CA GLU B 447 -14.24 -14.33 -0.37
C GLU B 447 -14.00 -13.71 -1.74
N ALA B 448 -14.42 -14.37 -2.80
CA ALA B 448 -14.10 -13.94 -4.16
C ALA B 448 -14.90 -12.72 -4.56
N ILE B 449 -14.27 -11.83 -5.33
CA ILE B 449 -14.94 -10.71 -5.97
C ILE B 449 -14.31 -10.51 -7.33
N ASP B 450 -15.14 -10.30 -8.35
CA ASP B 450 -14.70 -10.26 -9.74
C ASP B 450 -14.80 -8.85 -10.29
N CYS B 451 -14.00 -8.59 -11.32
CA CYS B 451 -14.14 -7.37 -12.11
C CYS B 451 -13.94 -7.71 -13.59
N ALA B 452 -14.38 -6.79 -14.45
CA ALA B 452 -14.38 -7.07 -15.88
C ALA B 452 -13.01 -6.89 -16.52
N LEU B 453 -12.19 -5.99 -16.01
CA LEU B 453 -10.88 -5.71 -16.58
C LEU B 453 -9.92 -5.35 -15.46
N PRO B 454 -8.63 -5.65 -15.62
CA PRO B 454 -7.63 -5.13 -14.68
C PRO B 454 -7.62 -3.61 -14.72
N GLN B 455 -7.24 -3.00 -13.58
CA GLN B 455 -7.16 -1.54 -13.54
C GLN B 455 -6.14 -1.01 -14.55
N GLU B 456 -5.08 -1.79 -14.82
CA GLU B 456 -4.09 -1.36 -15.81
C GLU B 456 -4.68 -1.27 -17.20
N PHE B 457 -5.64 -2.14 -17.54
CA PHE B 457 -6.30 -2.04 -18.84
C PHE B 457 -7.21 -0.82 -18.90
N ILE B 458 -7.79 -0.44 -17.76
CA ILE B 458 -8.67 0.72 -17.71
C ILE B 458 -7.87 2.00 -17.97
N SER B 459 -6.75 2.18 -17.25
CA SER B 459 -5.92 3.35 -17.50
C SER B 459 -5.28 3.29 -18.88
N TRP B 460 -5.02 2.08 -19.41
CA TRP B 460 -4.49 1.95 -20.75
C TRP B 460 -5.45 2.52 -21.78
N PHE B 461 -6.72 2.12 -21.71
CA PHE B 461 -7.72 2.65 -22.64
C PHE B 461 -7.98 4.13 -22.39
N ALA B 462 -8.03 4.53 -21.12
CA ALA B 462 -8.27 5.93 -20.80
C ALA B 462 -7.15 6.82 -21.32
N SER B 463 -5.92 6.32 -21.35
CA SER B 463 -4.79 7.11 -21.80
C SER B 463 -4.60 7.08 -23.31
N ASN B 464 -5.04 6.03 -23.99
CA ASN B 464 -4.80 5.91 -25.43
C ASN B 464 -5.92 6.48 -26.28
N ALA B 465 -7.16 6.42 -25.80
CA ALA B 465 -8.33 6.89 -26.54
C ALA B 465 -8.36 6.31 -27.95
N PHE B 466 -8.41 4.99 -28.01
CA PHE B 466 -8.46 4.29 -29.29
C PHE B 466 -9.79 4.56 -30.00
N THR B 467 -9.76 4.45 -31.32
CA THR B 467 -10.96 4.52 -32.13
C THR B 467 -11.60 3.14 -32.20
N VAL B 468 -12.89 3.06 -31.90
CA VAL B 468 -13.62 1.81 -31.91
C VAL B 468 -14.19 1.58 -33.30
N GLN B 469 -13.87 0.42 -33.89
CA GLN B 469 -14.25 0.13 -35.26
C GLN B 469 -15.37 -0.88 -35.41
N SER B 470 -15.66 -1.67 -34.38
CA SER B 470 -16.68 -2.70 -34.48
C SER B 470 -17.21 -3.00 -33.09
N ASP B 471 -18.04 -4.04 -33.00
CA ASP B 471 -18.70 -4.38 -31.73
C ASP B 471 -17.72 -4.98 -30.73
N ALA B 472 -16.68 -5.66 -31.21
CA ALA B 472 -15.80 -6.38 -30.31
C ALA B 472 -14.42 -6.57 -30.95
N LEU B 473 -13.46 -6.92 -30.11
CA LEU B 473 -12.11 -7.25 -30.54
C LEU B 473 -11.87 -8.72 -30.25
N LEU B 474 -11.31 -9.43 -31.23
CA LEU B 474 -10.89 -10.80 -31.02
C LEU B 474 -9.56 -10.79 -30.29
N LEU B 475 -9.52 -11.41 -29.11
CA LEU B 475 -8.31 -11.50 -28.32
C LEU B 475 -7.85 -12.94 -28.24
N ARG B 476 -6.53 -13.13 -28.14
CA ARG B 476 -5.95 -14.43 -27.86
C ARG B 476 -5.17 -14.32 -26.56
N TYR B 477 -5.43 -15.24 -25.65
CA TYR B 477 -4.71 -15.33 -24.38
C TYR B 477 -3.64 -16.41 -24.55
N ARG B 478 -2.38 -16.00 -24.51
CA ARG B 478 -1.26 -16.89 -24.78
C ARG B 478 -0.33 -16.98 -23.59
N ASN B 479 0.34 -18.12 -23.47
CA ASN B 479 1.37 -18.27 -22.46
C ASN B 479 2.53 -17.31 -22.74
N THR B 480 3.02 -16.68 -21.67
CA THR B 480 4.05 -15.66 -21.82
C THR B 480 5.37 -16.25 -22.29
N LEU B 481 5.75 -17.41 -21.76
CA LEU B 481 7.07 -17.98 -22.07
C LEU B 481 7.10 -18.65 -23.43
N THR B 482 6.03 -19.33 -23.82
CA THR B 482 6.02 -20.13 -25.04
C THR B 482 5.22 -19.51 -26.18
N GLY B 483 4.21 -18.71 -25.88
CA GLY B 483 3.33 -18.19 -26.91
C GLY B 483 2.17 -19.10 -27.24
N GLN B 484 2.08 -20.27 -26.60
CA GLN B 484 1.00 -21.20 -26.85
C GLN B 484 -0.35 -20.55 -26.61
N LEU B 485 -1.27 -20.78 -27.54
CA LEU B 485 -2.61 -20.23 -27.42
C LEU B 485 -3.41 -21.03 -26.39
N LEU B 486 -3.99 -20.32 -25.42
CA LEU B 486 -4.77 -20.96 -24.38
C LEU B 486 -6.27 -20.87 -24.65
N PHE B 487 -6.75 -19.71 -25.06
CA PHE B 487 -8.12 -19.56 -25.53
C PHE B 487 -8.21 -18.27 -26.32
N GLU B 488 -9.28 -18.17 -27.12
CA GLU B 488 -9.64 -16.93 -27.79
C GLU B 488 -10.90 -16.38 -27.15
N CYS B 489 -11.01 -15.06 -27.15
CA CYS B 489 -12.13 -14.40 -26.50
C CYS B 489 -12.46 -13.13 -27.26
N LYS B 490 -13.61 -12.54 -26.90
CA LYS B 490 -14.08 -11.31 -27.52
C LYS B 490 -14.11 -10.21 -26.45
N LEU B 491 -13.32 -9.16 -26.67
CA LEU B 491 -13.40 -7.97 -25.84
C LEU B 491 -14.42 -7.05 -26.50
N TYR B 492 -15.65 -7.06 -25.99
CA TYR B 492 -16.66 -6.16 -26.51
C TYR B 492 -16.24 -4.72 -26.25
N SER B 493 -16.62 -3.83 -27.17
CA SER B 493 -16.19 -2.44 -27.09
C SER B 493 -16.70 -1.75 -25.83
N GLU B 494 -17.76 -2.28 -25.20
CA GLU B 494 -18.28 -1.70 -23.98
C GLU B 494 -17.48 -2.08 -22.74
N GLY B 495 -16.40 -2.83 -22.89
CA GLY B 495 -15.44 -3.04 -21.82
C GLY B 495 -15.54 -4.33 -21.04
N TYR B 496 -16.04 -5.41 -21.65
CA TYR B 496 -16.12 -6.69 -20.98
C TYR B 496 -15.72 -7.77 -21.97
N ILE B 497 -15.15 -8.85 -21.43
CA ILE B 497 -14.61 -9.95 -22.24
C ILE B 497 -15.52 -11.15 -22.11
N ALA B 498 -15.79 -11.79 -23.24
CA ALA B 498 -16.65 -12.97 -23.30
C ALA B 498 -15.87 -14.16 -23.81
N LEU B 499 -16.14 -15.33 -23.23
CA LEU B 499 -15.68 -16.60 -23.75
C LEU B 499 -16.88 -17.47 -24.07
N SER B 500 -16.69 -18.38 -25.02
CA SER B 500 -17.70 -19.39 -25.34
C SER B 500 -17.45 -20.59 -24.44
N TYR B 501 -18.36 -20.83 -23.49
CA TYR B 501 -18.19 -21.90 -22.52
C TYR B 501 -19.57 -22.46 -22.16
N SER B 502 -19.71 -23.78 -22.23
CA SER B 502 -20.98 -24.44 -21.99
C SER B 502 -20.96 -25.34 -20.76
N GLY B 503 -19.89 -25.31 -19.98
CA GLY B 503 -19.83 -26.13 -18.78
C GLY B 503 -20.78 -25.63 -17.70
N SER B 504 -20.94 -26.47 -16.67
CA SER B 504 -21.84 -26.14 -15.58
C SER B 504 -21.15 -25.36 -14.46
N GLY B 505 -19.93 -25.73 -14.10
CA GLY B 505 -19.23 -25.10 -13.01
C GLY B 505 -18.15 -24.15 -13.47
N PRO B 506 -17.39 -23.61 -12.51
CA PRO B 506 -16.34 -22.65 -12.87
C PRO B 506 -15.20 -23.34 -13.61
N LEU B 507 -14.52 -22.56 -14.46
CA LEU B 507 -13.34 -23.02 -15.17
C LEU B 507 -12.26 -21.95 -15.01
N THR B 508 -11.21 -22.27 -14.26
CA THR B 508 -10.13 -21.34 -14.00
C THR B 508 -9.03 -21.49 -15.04
N PHE B 509 -8.35 -20.39 -15.31
CA PHE B 509 -7.32 -20.31 -16.33
C PHE B 509 -5.99 -19.90 -15.71
N PRO B 510 -4.86 -20.21 -16.36
CA PRO B 510 -3.57 -19.72 -15.88
C PRO B 510 -3.56 -18.19 -15.85
N THR B 511 -2.88 -17.64 -14.84
CA THR B 511 -2.79 -16.20 -14.66
C THR B 511 -1.46 -15.64 -15.14
N ASP B 512 -0.59 -16.48 -15.71
CA ASP B 512 0.71 -16.03 -16.18
C ASP B 512 0.76 -15.91 -17.70
N GLY B 513 -0.38 -15.71 -18.35
CA GLY B 513 -0.45 -15.46 -19.76
C GLY B 513 -0.59 -13.97 -20.05
N PHE B 514 -0.82 -13.66 -21.33
CA PHE B 514 -1.03 -12.29 -21.75
C PHE B 514 -2.06 -12.26 -22.87
N PHE B 515 -2.79 -11.14 -22.94
CA PHE B 515 -3.77 -10.94 -23.99
C PHE B 515 -3.15 -10.18 -25.14
N GLU B 516 -3.44 -10.62 -26.37
CA GLU B 516 -3.02 -9.88 -27.55
C GLU B 516 -4.24 -9.63 -28.43
N VAL B 517 -4.35 -8.40 -28.93
CA VAL B 517 -5.45 -8.03 -29.81
C VAL B 517 -5.17 -8.60 -31.20
N VAL B 518 -6.14 -9.32 -31.75
CA VAL B 518 -6.00 -9.90 -33.08
C VAL B 518 -6.63 -8.98 -34.12
N SER B 519 -7.92 -8.69 -33.98
CA SER B 519 -8.64 -7.95 -35.01
C SER B 519 -9.98 -7.49 -34.45
N TRP B 520 -10.67 -6.68 -35.25
CA TRP B 520 -12.06 -6.32 -34.99
C TRP B 520 -12.98 -7.39 -35.54
N VAL B 521 -14.02 -7.74 -34.78
CA VAL B 521 -14.96 -8.77 -35.20
C VAL B 521 -16.39 -8.27 -35.01
N PRO B 522 -17.36 -8.78 -35.77
CA PRO B 522 -18.76 -8.42 -35.52
C PRO B 522 -19.29 -9.08 -34.26
N ARG B 523 -20.43 -8.58 -33.80
CA ARG B 523 -21.05 -9.12 -32.59
C ARG B 523 -21.32 -10.61 -32.72
N LEU B 524 -21.69 -11.07 -33.92
CA LEU B 524 -22.06 -12.46 -34.14
C LEU B 524 -20.87 -13.38 -34.35
N PHE B 525 -19.65 -12.89 -34.23
CA PHE B 525 -18.48 -13.75 -34.36
C PHE B 525 -18.52 -14.84 -33.29
N GLN B 526 -18.48 -16.10 -33.71
CA GLN B 526 -18.60 -17.24 -32.81
C GLN B 526 -17.23 -17.72 -32.38
N LEU B 527 -16.98 -17.70 -31.07
CA LEU B 527 -15.69 -18.10 -30.53
C LEU B 527 -15.60 -19.63 -30.44
N ALA B 528 -14.36 -20.12 -30.48
CA ALA B 528 -14.12 -21.53 -30.19
C ALA B 528 -14.34 -21.80 -28.71
N SER B 529 -15.04 -22.88 -28.41
CA SER B 529 -15.42 -23.16 -27.02
C SER B 529 -14.21 -23.54 -26.19
N VAL B 530 -14.29 -23.25 -24.89
CA VAL B 530 -13.26 -23.67 -23.94
C VAL B 530 -13.86 -24.68 -22.98
N GLU C 20 4.33 -16.41 32.31
CA GLU C 20 5.43 -15.77 33.01
C GLU C 20 6.49 -15.29 32.02
N ASP C 21 7.00 -14.08 32.23
CA ASP C 21 7.76 -13.36 31.23
C ASP C 21 9.24 -13.73 31.28
N PRO C 22 9.96 -13.55 30.15
CA PRO C 22 11.38 -13.95 30.11
C PRO C 22 12.31 -12.98 30.81
N VAL C 23 11.96 -11.69 30.84
CA VAL C 23 12.76 -10.68 31.51
C VAL C 23 11.83 -9.63 32.10
N THR C 24 12.05 -9.29 33.36
CA THR C 24 11.22 -8.32 34.06
C THR C 24 12.09 -7.39 34.86
N GLY C 25 11.50 -6.27 35.29
CA GLY C 25 12.17 -5.30 36.11
C GLY C 25 11.19 -4.30 36.69
N PRO C 26 11.71 -3.16 37.15
CA PRO C 26 10.81 -2.11 37.64
C PRO C 26 10.08 -1.45 36.47
N GLU C 27 8.76 -1.29 36.64
CA GLU C 27 7.98 -0.56 35.64
C GLU C 27 8.33 0.92 35.66
N GLU C 28 8.53 1.49 36.84
CA GLU C 28 8.79 2.91 37.01
C GLU C 28 9.97 3.10 37.95
N VAL C 29 10.92 3.94 37.55
CA VAL C 29 12.03 4.34 38.41
C VAL C 29 12.13 5.86 38.35
N SER C 30 12.59 6.45 39.45
CA SER C 30 12.79 7.89 39.53
C SER C 30 14.20 8.19 40.02
N GLY C 31 14.83 9.18 39.39
CA GLY C 31 16.14 9.63 39.80
C GLY C 31 16.18 11.15 39.83
N GLN C 32 17.36 11.67 40.21
CA GLN C 32 17.51 13.11 40.40
C GLN C 32 18.82 13.58 39.80
N GLU C 33 18.88 14.89 39.54
CA GLU C 33 20.04 15.55 38.96
C GLU C 33 21.33 15.15 39.66
N GLN C 34 22.29 14.68 38.85
CA GLN C 34 23.63 14.26 39.29
C GLN C 34 23.59 12.96 40.08
N GLY C 35 22.40 12.47 40.40
CA GLY C 35 22.26 11.21 41.10
C GLY C 35 22.44 10.02 40.19
N SER C 36 22.34 8.83 40.79
CA SER C 36 22.35 7.58 40.05
C SER C 36 21.07 6.80 40.35
N LEU C 37 20.75 5.87 39.46
CA LEU C 37 19.67 4.92 39.71
C LEU C 37 20.10 3.55 39.18
N THR C 38 19.49 2.52 39.75
CA THR C 38 19.85 1.14 39.45
C THR C 38 18.60 0.39 39.01
N VAL C 39 18.72 -0.34 37.89
CA VAL C 39 17.61 -1.10 37.33
C VAL C 39 17.97 -2.58 37.38
N GLN C 40 17.15 -3.36 38.08
CA GLN C 40 17.34 -4.80 38.19
C GLN C 40 16.54 -5.48 37.10
N CYS C 41 17.21 -6.03 36.10
CA CYS C 41 16.57 -6.78 35.03
C CYS C 41 16.72 -8.27 35.34
N ARG C 42 15.67 -8.86 35.88
CA ARG C 42 15.65 -10.28 36.20
C ARG C 42 15.21 -11.09 35.00
N TYR C 43 15.83 -12.25 34.80
CA TYR C 43 15.48 -13.11 33.66
C TYR C 43 15.45 -14.56 34.12
N THR C 44 14.79 -15.39 33.31
CA THR C 44 14.72 -16.81 33.60
C THR C 44 16.02 -17.50 33.19
N SER C 45 16.26 -18.68 33.78
CA SER C 45 17.58 -19.29 33.73
C SER C 45 18.04 -19.60 32.31
N GLY C 46 17.11 -19.86 31.40
CA GLY C 46 17.48 -20.22 30.05
C GLY C 46 18.27 -19.16 29.30
N TRP C 47 18.17 -17.90 29.72
CA TRP C 47 18.83 -16.80 29.04
C TRP C 47 20.21 -16.49 29.62
N LYS C 48 20.78 -17.43 30.38
CA LYS C 48 22.02 -17.17 31.12
C LYS C 48 23.15 -16.71 30.20
N ASP C 49 23.40 -17.45 29.13
CA ASP C 49 24.55 -17.20 28.27
C ASP C 49 24.23 -16.29 27.08
N TYR C 50 23.17 -15.50 27.18
CA TYR C 50 22.82 -14.54 26.13
C TYR C 50 23.34 -13.16 26.50
N LYS C 51 23.62 -12.35 25.48
CA LYS C 51 23.99 -10.96 25.70
C LYS C 51 22.82 -10.18 26.27
N LYS C 52 23.08 -9.35 27.27
CA LYS C 52 22.09 -8.49 27.88
C LYS C 52 22.38 -7.04 27.52
N TYR C 53 21.33 -6.23 27.41
CA TYR C 53 21.54 -4.85 27.01
C TYR C 53 20.49 -3.93 27.61
N TRP C 54 20.78 -2.63 27.54
CA TRP C 54 19.95 -1.55 28.04
C TRP C 54 19.66 -0.62 26.87
N CYS C 55 18.39 -0.45 26.54
CA CYS C 55 17.97 0.24 25.34
C CYS C 55 17.17 1.49 25.70
N GLN C 56 17.18 2.48 24.79
CA GLN C 56 16.55 3.76 25.05
C GLN C 56 15.64 4.16 23.91
N GLY C 57 14.38 4.49 24.24
CA GLY C 57 13.51 5.20 23.33
C GLY C 57 12.51 4.31 22.63
N VAL C 58 11.71 4.96 21.77
CA VAL C 58 10.71 4.30 20.95
C VAL C 58 10.89 4.78 19.51
N PRO C 59 10.48 3.96 18.51
CA PRO C 59 9.83 2.64 18.56
C PRO C 59 10.65 1.57 19.31
N GLN C 60 9.93 0.67 19.97
CA GLN C 60 10.56 -0.31 20.85
C GLN C 60 11.62 -1.11 20.12
N ARG C 61 11.29 -1.62 18.94
CA ARG C 61 12.17 -2.55 18.25
C ARG C 61 13.31 -1.86 17.49
N SER C 62 13.31 -0.53 17.43
CA SER C 62 14.41 0.23 16.83
C SER C 62 15.12 1.11 17.85
N CYS C 63 14.97 0.80 19.14
CA CYS C 63 15.55 1.61 20.19
C CYS C 63 17.08 1.61 20.11
N LYS C 64 17.67 2.62 20.74
CA LYS C 64 19.12 2.81 20.72
C LYS C 64 19.75 2.06 21.89
N THR C 65 20.57 1.06 21.56
CA THR C 65 21.29 0.32 22.60
C THR C 65 22.37 1.19 23.20
N LEU C 66 22.28 1.45 24.50
CA LEU C 66 23.26 2.29 25.18
C LEU C 66 24.46 1.50 25.66
N VAL C 67 24.24 0.26 26.12
CA VAL C 67 25.33 -0.58 26.61
C VAL C 67 24.86 -2.02 26.54
N GLU C 68 25.80 -2.94 26.32
CA GLU C 68 25.48 -4.34 26.12
C GLU C 68 26.64 -5.21 26.60
N THR C 69 26.31 -6.32 27.25
CA THR C 69 27.33 -7.25 27.71
C THR C 69 27.80 -8.13 26.55
N ASP C 70 28.87 -8.89 26.79
CA ASP C 70 29.37 -9.87 25.84
C ASP C 70 28.98 -11.30 26.24
N ALA C 71 27.85 -11.44 26.93
CA ALA C 71 27.31 -12.70 27.46
C ALA C 71 28.15 -13.28 28.60
N SER C 72 29.04 -12.48 29.19
CA SER C 72 29.78 -12.87 30.39
C SER C 72 29.30 -12.02 31.57
N GLU C 73 29.99 -12.15 32.70
CA GLU C 73 29.67 -11.39 33.89
C GLU C 73 30.50 -10.12 34.03
N GLN C 74 31.37 -9.83 33.07
CA GLN C 74 32.22 -8.65 33.17
C GLN C 74 31.39 -7.38 32.99
N LEU C 75 31.68 -6.38 33.81
CA LEU C 75 30.97 -5.11 33.73
C LEU C 75 31.37 -4.36 32.46
N VAL C 76 30.38 -3.77 31.81
CA VAL C 76 30.59 -2.90 30.66
C VAL C 76 30.03 -1.53 31.00
N LYS C 77 30.78 -0.48 30.66
CA LYS C 77 30.33 0.89 30.86
C LYS C 77 30.56 1.68 29.58
N LYS C 78 29.54 2.40 29.15
CA LYS C 78 29.63 3.31 28.01
C LYS C 78 28.96 4.62 28.40
N ASN C 79 29.70 5.71 28.24
CA ASN C 79 29.23 7.04 28.64
C ASN C 79 28.85 7.04 30.12
N ARG C 80 27.55 7.13 30.43
CA ARG C 80 27.11 7.21 31.82
C ARG C 80 26.26 6.01 32.23
N VAL C 81 26.34 4.90 31.49
CA VAL C 81 25.54 3.72 31.77
C VAL C 81 26.48 2.52 31.90
N SER C 82 26.25 1.71 32.93
CA SER C 82 26.99 0.47 33.13
C SER C 82 26.01 -0.70 33.23
N ILE C 83 26.52 -1.89 32.95
CA ILE C 83 25.70 -3.10 33.00
C ILE C 83 26.59 -4.25 33.47
N ARG C 84 26.14 -5.09 34.30
CA ARG C 84 26.81 -6.28 34.82
C ARG C 84 25.78 -7.37 35.01
N ASP C 85 26.10 -8.52 34.39
CA ASP C 85 25.24 -9.69 34.40
C ASP C 85 25.65 -10.60 35.56
N ASN C 86 24.70 -10.90 36.44
CA ASN C 86 24.88 -11.89 37.50
C ASN C 86 24.26 -13.19 37.00
N GLN C 87 25.10 -14.09 36.49
CA GLN C 87 24.64 -15.34 35.90
C GLN C 87 24.48 -16.46 36.92
N ARG C 88 24.57 -16.15 38.21
CA ARG C 88 24.20 -17.07 39.28
C ARG C 88 22.75 -16.86 39.72
N ASP C 89 22.37 -15.60 39.96
CA ASP C 89 21.01 -15.26 40.36
C ASP C 89 20.16 -14.80 39.19
N PHE C 90 20.72 -14.77 37.98
CA PHE C 90 19.99 -14.46 36.75
C PHE C 90 19.38 -13.05 36.81
N ILE C 91 20.25 -12.09 37.06
CA ILE C 91 19.90 -10.67 37.09
C ILE C 91 21.04 -9.90 36.45
N PHE C 92 20.74 -9.02 35.50
CA PHE C 92 21.73 -8.06 35.05
C PHE C 92 21.31 -6.66 35.51
N THR C 93 22.27 -5.96 36.12
CA THR C 93 22.03 -4.70 36.81
C THR C 93 22.51 -3.55 35.95
N VAL C 94 21.61 -2.61 35.67
CA VAL C 94 21.93 -1.41 34.89
C VAL C 94 22.02 -0.23 35.85
N THR C 95 23.11 0.53 35.76
CA THR C 95 23.30 1.73 36.54
C THR C 95 23.38 2.92 35.60
N MET C 96 22.53 3.91 35.83
CA MET C 96 22.58 5.19 35.12
C MET C 96 23.06 6.25 36.10
N GLU C 97 24.20 6.87 35.80
CA GLU C 97 24.87 7.78 36.70
C GLU C 97 24.82 9.21 36.17
N ASP C 98 25.11 10.17 37.05
CA ASP C 98 25.17 11.58 36.71
C ASP C 98 23.92 12.02 35.95
N LEU C 99 22.77 11.67 36.50
CA LEU C 99 21.50 11.84 35.80
C LEU C 99 21.22 13.32 35.52
N ARG C 100 20.55 13.56 34.40
CA ARG C 100 20.09 14.88 34.03
C ARG C 100 18.71 14.76 33.41
N MET C 101 18.03 15.90 33.26
CA MET C 101 16.64 15.90 32.84
C MET C 101 16.46 15.18 31.51
N SER C 102 17.43 15.31 30.61
CA SER C 102 17.32 14.70 29.29
C SER C 102 17.39 13.18 29.33
N ASP C 103 17.72 12.58 30.48
CA ASP C 103 17.74 11.12 30.59
C ASP C 103 16.36 10.52 30.77
N ALA C 104 15.36 11.32 31.14
CA ALA C 104 14.02 10.79 31.37
C ALA C 104 13.42 10.28 30.06
N GLY C 105 12.62 9.23 30.16
CA GLY C 105 11.97 8.67 29.00
C GLY C 105 11.78 7.17 29.16
N ILE C 106 11.62 6.51 28.02
CA ILE C 106 11.31 5.08 27.97
C ILE C 106 12.58 4.31 27.69
N TYR C 107 12.84 3.28 28.49
CA TYR C 107 13.99 2.40 28.32
C TYR C 107 13.53 0.95 28.36
N TRP C 108 14.47 0.04 28.08
CA TRP C 108 14.14 -1.38 27.96
C TRP C 108 15.27 -2.23 28.51
N CYS C 109 14.95 -3.16 29.41
CA CYS C 109 15.80 -4.32 29.64
C CYS C 109 15.74 -5.21 28.40
N GLY C 110 16.90 -5.63 27.91
CA GLY C 110 16.95 -6.38 26.67
C GLY C 110 17.83 -7.62 26.76
N ILE C 111 17.39 -8.68 26.07
CA ILE C 111 18.18 -9.88 25.85
C ILE C 111 18.26 -10.11 24.35
N THR C 112 19.47 -10.24 23.84
CA THR C 112 19.70 -10.34 22.40
C THR C 112 19.56 -11.79 21.94
N LYS C 113 18.66 -12.03 20.99
CA LYS C 113 18.49 -13.34 20.38
C LYS C 113 17.95 -13.15 18.97
N GLY C 114 17.97 -14.23 18.20
CA GLY C 114 17.46 -14.19 16.84
C GLY C 114 15.98 -13.88 16.79
N GLY C 115 15.61 -12.82 16.07
CA GLY C 115 14.22 -12.42 15.98
C GLY C 115 13.81 -11.48 17.08
N LEU C 116 12.57 -11.61 17.55
CA LEU C 116 12.05 -10.71 18.57
C LEU C 116 12.77 -10.94 19.90
N ASP C 117 13.38 -9.87 20.43
CA ASP C 117 14.10 -9.93 21.69
C ASP C 117 13.13 -9.95 22.88
N PRO C 118 13.43 -10.71 23.92
CA PRO C 118 12.80 -10.45 25.22
C PRO C 118 13.16 -9.04 25.67
N MET C 119 12.13 -8.23 25.96
CA MET C 119 12.32 -6.84 26.35
C MET C 119 11.28 -6.48 27.39
N PHE C 120 11.66 -5.60 28.32
CA PHE C 120 10.77 -5.14 29.38
C PHE C 120 10.88 -3.64 29.50
N LYS C 121 9.73 -2.95 29.45
CA LYS C 121 9.70 -1.50 29.44
C LYS C 121 9.92 -0.93 30.83
N VAL C 122 10.89 -0.02 30.95
CA VAL C 122 11.16 0.70 32.19
C VAL C 122 11.02 2.19 31.90
N THR C 123 10.09 2.85 32.59
CA THR C 123 9.92 4.28 32.47
C THR C 123 10.79 4.99 33.49
N VAL C 124 11.60 5.93 33.03
CA VAL C 124 12.58 6.62 33.85
C VAL C 124 12.13 8.06 34.04
N ASN C 125 11.87 8.44 35.29
CA ASN C 125 11.51 9.81 35.63
C ASN C 125 12.71 10.49 36.29
N ILE C 126 13.02 11.71 35.87
CA ILE C 126 14.13 12.48 36.41
C ILE C 126 13.60 13.81 36.90
N GLY C 127 13.91 14.14 38.15
CA GLY C 127 13.52 15.41 38.72
C GLY C 127 14.71 16.17 39.26
N PRO C 128 14.46 17.39 39.75
CA PRO C 128 15.54 18.17 40.36
C PRO C 128 15.80 17.71 41.79
N VAL C 129 16.93 18.16 42.31
CA VAL C 129 17.25 17.91 43.72
C VAL C 129 16.59 19.00 44.57
N PRO C 130 15.80 18.63 45.58
CA PRO C 130 15.14 19.62 46.46
C PRO C 130 16.16 20.42 47.28
#